data_3PCT
#
_entry.id   3PCT
#
_cell.length_a   79.980
_cell.length_b   106.150
_cell.length_c   89.750
_cell.angle_alpha   90.000
_cell.angle_beta   93.110
_cell.angle_gamma   90.000
#
_symmetry.space_group_name_H-M   'C 1 2 1'
#
loop_
_entity.id
_entity.type
_entity.pdbx_description
1 polymer 'Class C acid phosphatase'
2 water water
#
_entity_poly.entity_id   1
_entity_poly.type   'polypeptide(L)'
_entity_poly.pdbx_seq_one_letter_code
;MVSNQQAVEQANQAKLQQQVAMGLIWTQQSGEYAALAHQAFNSAKMAFDHAKAKKGKKKAVVVDLDETMIDNSAYAGWQV
QSGQGFSPKTWTKWVDARQSAAIPGAVEFSNYVNANGGTMFFVSNRRDDVEKAGTVDDMKRLGFTGVNDKTLLLKKDKSN
KSVRFKQVEDMGYDIVLFVGDNLNDFGDATYKKSNAERRDFVAKNSKAFGKKFIVLPNTQYGDWEGGLDKNYFKGDSQSK
LDVRAKAIHAWDGKHHHHHH
;
_entity_poly.pdbx_strand_id   A,B,C
#
# COMPACT_ATOMS: atom_id res chain seq x y z
N ASN A 4 -9.23 15.52 1.00
CA ASN A 4 -8.54 15.93 2.23
C ASN A 4 -7.15 15.31 2.35
N GLN A 5 -6.32 15.91 3.20
CA GLN A 5 -4.94 15.47 3.36
C GLN A 5 -4.80 13.97 3.68
N GLN A 6 -5.61 13.47 4.61
CA GLN A 6 -5.56 12.06 4.98
C GLN A 6 -5.70 11.16 3.75
N ALA A 7 -6.79 11.34 3.01
CA ALA A 7 -7.03 10.56 1.80
C ALA A 7 -5.87 10.70 0.80
N VAL A 8 -5.40 11.94 0.63
CA VAL A 8 -4.33 12.23 -0.31
C VAL A 8 -3.07 11.46 0.04
N GLU A 9 -2.71 11.46 1.31
CA GLU A 9 -1.52 10.74 1.76
C GLU A 9 -1.69 9.25 1.59
N GLN A 10 -2.89 8.75 1.88
CA GLN A 10 -3.18 7.33 1.75
C GLN A 10 -3.06 6.87 0.30
N ALA A 11 -3.61 7.65 -0.62
CA ALA A 11 -3.52 7.32 -2.03
C ALA A 11 -2.05 7.31 -2.48
N ASN A 12 -1.28 8.27 -1.97
CA ASN A 12 0.14 8.39 -2.33
C ASN A 12 1.01 7.31 -1.71
N GLN A 13 0.73 6.94 -0.46
CA GLN A 13 1.42 5.82 0.18
C GLN A 13 1.13 4.52 -0.59
N ALA A 14 -0.13 4.36 -0.99
CA ALA A 14 -0.49 3.22 -1.83
C ALA A 14 0.27 3.25 -3.16
N LYS A 15 0.37 4.42 -3.76
CA LYS A 15 1.14 4.56 -4.99
C LYS A 15 2.60 4.14 -4.79
N LEU A 16 3.19 4.55 -3.67
CA LEU A 16 4.57 4.19 -3.32
C LEU A 16 4.75 2.70 -3.20
N GLN A 17 3.70 2.00 -2.78
CA GLN A 17 3.79 0.55 -2.58
C GLN A 17 3.59 -0.18 -3.90
N GLN A 18 2.68 0.31 -4.73
CA GLN A 18 2.51 -0.28 -6.07
C GLN A 18 3.79 -0.28 -6.90
N GLN A 19 4.65 0.71 -6.70
CA GLN A 19 5.92 0.79 -7.44
C GLN A 19 6.94 -0.29 -7.11
N VAL A 20 6.72 -1.03 -6.03
CA VAL A 20 7.66 -2.08 -5.64
C VAL A 20 7.16 -3.46 -6.09
N ALA A 21 5.95 -3.49 -6.65
CA ALA A 21 5.25 -4.74 -6.95
C ALA A 21 6.06 -5.71 -7.81
N MET A 22 6.58 -5.22 -8.94
CA MET A 22 7.31 -6.07 -9.88
C MET A 22 8.63 -6.61 -9.31
N GLY A 23 9.33 -5.79 -8.56
CA GLY A 23 10.54 -6.24 -7.87
C GLY A 23 10.25 -7.27 -6.79
N LEU A 24 9.15 -7.09 -6.08
CA LEU A 24 8.78 -8.02 -5.02
C LEU A 24 8.36 -9.34 -5.65
N ILE A 25 7.58 -9.25 -6.73
CA ILE A 25 7.17 -10.43 -7.48
C ILE A 25 8.38 -11.18 -8.03
N TRP A 26 9.32 -10.44 -8.61
CA TRP A 26 10.58 -11.05 -9.05
C TRP A 26 11.27 -11.76 -7.88
N THR A 27 11.35 -11.08 -6.74
CA THR A 27 12.04 -11.63 -5.57
C THR A 27 11.36 -12.92 -5.09
N GLN A 28 10.03 -12.89 -5.01
CA GLN A 28 9.30 -14.01 -4.44
C GLN A 28 9.12 -15.19 -5.40
N GLN A 29 9.10 -14.91 -6.69
CA GLN A 29 8.70 -15.91 -7.68
C GLN A 29 9.83 -16.40 -8.61
N SER A 30 10.72 -15.49 -9.03
CA SER A 30 11.68 -15.82 -10.08
C SER A 30 12.68 -16.90 -9.67
N GLY A 31 12.96 -17.80 -10.61
CA GLY A 31 14.10 -18.68 -10.46
C GLY A 31 15.36 -17.83 -10.48
N GLU A 32 15.30 -16.68 -11.15
CA GLU A 32 16.48 -15.82 -11.25
C GLU A 32 16.95 -15.33 -9.88
N TYR A 33 16.01 -14.90 -9.05
CA TYR A 33 16.44 -14.43 -7.75
C TYR A 33 17.09 -15.55 -6.94
N ALA A 34 16.47 -16.73 -6.97
CA ALA A 34 17.01 -17.85 -6.24
C ALA A 34 18.44 -18.18 -6.72
N ALA A 35 18.66 -18.10 -8.03
CA ALA A 35 19.97 -18.41 -8.61
C ALA A 35 21.04 -17.38 -8.18
N LEU A 36 20.60 -16.14 -7.99
CA LEU A 36 21.48 -15.07 -7.52
C LEU A 36 21.92 -15.31 -6.07
N ALA A 37 20.99 -15.79 -5.25
CA ALA A 37 21.31 -16.16 -3.87
C ALA A 37 22.35 -17.30 -3.83
N HIS A 38 22.12 -18.34 -4.62
CA HIS A 38 23.07 -19.45 -4.69
C HIS A 38 24.41 -19.00 -5.27
N GLN A 39 24.36 -18.07 -6.22
CA GLN A 39 25.60 -17.58 -6.81
C GLN A 39 26.42 -16.89 -5.73
N ALA A 40 25.74 -16.08 -4.92
CA ALA A 40 26.39 -15.44 -3.78
C ALA A 40 26.98 -16.42 -2.78
N PHE A 41 26.21 -17.44 -2.39
CA PHE A 41 26.66 -18.36 -1.34
C PHE A 41 27.72 -19.34 -1.82
N ASN A 42 27.63 -19.73 -3.09
CA ASN A 42 28.72 -20.48 -3.75
C ASN A 42 30.02 -19.67 -3.75
N SER A 43 29.92 -18.39 -4.10
CA SER A 43 31.07 -17.49 -4.11
CA SER A 43 31.07 -17.50 -4.10
C SER A 43 31.64 -17.37 -2.71
N ALA A 44 30.76 -17.31 -1.71
CA ALA A 44 31.21 -17.13 -0.33
C ALA A 44 31.92 -18.38 0.19
N LYS A 45 31.41 -19.56 -0.15
CA LYS A 45 32.05 -20.80 0.29
CA LYS A 45 32.05 -20.80 0.27
C LYS A 45 33.47 -20.86 -0.25
N MET A 46 33.61 -20.58 -1.54
CA MET A 46 34.91 -20.54 -2.20
C MET A 46 35.86 -19.58 -1.49
N ALA A 47 35.40 -18.35 -1.28
CA ALA A 47 36.20 -17.34 -0.63
C ALA A 47 36.64 -17.77 0.76
N PHE A 48 35.73 -18.41 1.50
CA PHE A 48 36.02 -18.87 2.86
C PHE A 48 37.05 -19.98 2.87
N ASP A 49 36.87 -20.94 1.96
CA ASP A 49 37.79 -22.07 1.88
C ASP A 49 39.21 -21.60 1.61
N HIS A 50 39.34 -20.52 0.86
CA HIS A 50 40.66 -20.00 0.49
C HIS A 50 41.29 -19.11 1.57
N ALA A 51 40.46 -18.31 2.25
CA ALA A 51 40.93 -17.36 3.26
C ALA A 51 41.78 -18.00 4.38
N LYS A 52 42.88 -17.34 4.68
CA LYS A 52 43.71 -17.70 5.82
C LYS A 52 43.61 -16.62 6.90
N LYS A 58 41.80 -16.46 14.72
CA LYS A 58 40.58 -17.24 14.51
C LYS A 58 39.79 -16.65 13.35
N LYS A 59 39.21 -17.50 12.53
CA LYS A 59 38.57 -17.04 11.30
C LYS A 59 37.10 -16.78 11.49
N ALA A 60 36.66 -15.57 11.14
CA ALA A 60 35.24 -15.23 11.29
C ALA A 60 34.61 -14.81 9.96
N VAL A 61 33.30 -15.00 9.85
CA VAL A 61 32.53 -14.53 8.71
C VAL A 61 31.38 -13.71 9.27
N VAL A 62 31.24 -12.48 8.81
CA VAL A 62 30.18 -11.60 9.27
C VAL A 62 29.08 -11.49 8.22
N VAL A 63 27.84 -11.62 8.65
CA VAL A 63 26.73 -11.54 7.72
C VAL A 63 25.62 -10.70 8.34
N ASP A 64 24.84 -10.05 7.49
CA ASP A 64 23.58 -9.42 7.86
C ASP A 64 22.50 -10.50 7.83
N LEU A 65 21.35 -10.25 8.45
CA LEU A 65 20.29 -11.24 8.46
C LEU A 65 19.20 -10.93 7.45
N ASP A 66 18.43 -9.87 7.69
CA ASP A 66 17.28 -9.58 6.84
C ASP A 66 17.66 -9.39 5.39
N GLU A 67 17.05 -10.19 4.52
CA GLU A 67 17.24 -10.11 3.08
C GLU A 67 18.65 -10.56 2.68
N THR A 68 19.35 -11.16 3.63
CA THR A 68 20.66 -11.79 3.38
C THR A 68 20.59 -13.29 3.71
N MET A 69 20.38 -13.63 4.99
CA MET A 69 20.23 -15.01 5.44
CA MET A 69 20.22 -15.02 5.39
C MET A 69 18.76 -15.40 5.59
N ILE A 70 17.91 -14.40 5.89
CA ILE A 70 16.49 -14.67 6.12
C ILE A 70 15.59 -13.75 5.31
N ASP A 71 14.40 -14.25 4.98
CA ASP A 71 13.55 -13.70 3.94
C ASP A 71 12.32 -13.06 4.57
N ASN A 72 12.27 -11.72 4.55
CA ASN A 72 11.13 -10.99 5.11
C ASN A 72 10.21 -10.39 4.05
N SER A 73 10.20 -11.02 2.88
CA SER A 73 9.47 -10.46 1.73
C SER A 73 7.96 -10.46 1.97
N ALA A 74 7.49 -11.30 2.88
CA ALA A 74 6.08 -11.32 3.25
C ALA A 74 5.66 -10.01 3.91
N TYR A 75 6.59 -9.34 4.59
CA TYR A 75 6.32 -8.00 5.13
C TYR A 75 6.11 -6.97 4.01
N ALA A 76 6.97 -7.01 2.99
CA ALA A 76 6.80 -6.14 1.83
C ALA A 76 5.47 -6.44 1.11
N GLY A 77 5.13 -7.71 1.00
CA GLY A 77 3.83 -8.09 0.46
C GLY A 77 2.69 -7.47 1.26
N TRP A 78 2.78 -7.53 2.59
CA TRP A 78 1.78 -6.90 3.45
C TRP A 78 1.67 -5.39 3.17
N GLN A 79 2.81 -4.73 2.99
CA GLN A 79 2.82 -3.31 2.63
C GLN A 79 2.02 -3.04 1.35
N VAL A 80 2.38 -3.72 0.28
CA VAL A 80 1.68 -3.57 -1.00
C VAL A 80 0.16 -3.76 -0.89
N GLN A 81 -0.25 -4.81 -0.19
CA GLN A 81 -1.66 -5.17 -0.11
C GLN A 81 -2.45 -4.17 0.73
N SER A 82 -1.80 -3.65 1.77
CA SER A 82 -2.49 -2.80 2.74
C SER A 82 -2.20 -1.34 2.43
N GLY A 83 -1.29 -1.11 1.49
CA GLY A 83 -0.90 0.23 1.09
C GLY A 83 -0.19 1.00 2.17
N GLN A 84 0.25 0.31 3.22
CA GLN A 84 0.94 0.97 4.32
C GLN A 84 2.46 0.93 4.15
N GLY A 85 3.12 2.02 4.53
CA GLY A 85 4.56 2.09 4.52
C GLY A 85 5.17 1.50 5.78
N PHE A 86 6.48 1.38 5.76
CA PHE A 86 7.22 0.79 6.88
C PHE A 86 7.07 1.62 8.14
N SER A 87 6.96 0.94 9.28
CA SER A 87 7.04 1.60 10.57
C SER A 87 7.64 0.62 11.58
N PRO A 88 8.41 1.13 12.54
CA PRO A 88 9.04 0.33 13.60
C PRO A 88 8.03 -0.51 14.39
N LYS A 89 6.85 0.06 14.67
CA LYS A 89 5.81 -0.66 15.40
C LYS A 89 5.36 -1.92 14.67
N THR A 90 5.01 -1.81 13.40
CA THR A 90 4.51 -2.98 12.68
C THR A 90 5.63 -3.97 12.33
N TRP A 91 6.83 -3.44 12.11
CA TRP A 91 7.99 -4.30 11.88
C TRP A 91 8.22 -5.23 13.06
N THR A 92 8.17 -4.68 14.27
CA THR A 92 8.31 -5.49 15.48
C THR A 92 7.21 -6.53 15.59
N LYS A 93 5.97 -6.17 15.23
CA LYS A 93 4.89 -7.15 15.14
C LYS A 93 5.22 -8.29 14.17
N TRP A 94 5.78 -7.95 13.01
CA TRP A 94 6.22 -8.97 12.05
C TRP A 94 7.32 -9.85 12.62
N VAL A 95 8.30 -9.25 13.29
CA VAL A 95 9.39 -10.03 13.88
C VAL A 95 8.84 -11.01 14.91
N ASP A 96 7.90 -10.53 15.73
CA ASP A 96 7.28 -11.35 16.75
C ASP A 96 6.36 -12.41 16.17
N ALA A 97 5.90 -12.23 14.93
CA ALA A 97 5.02 -13.21 14.31
C ALA A 97 5.80 -14.46 13.95
N ARG A 98 7.13 -14.38 14.08
CA ARG A 98 7.97 -15.55 13.84
C ARG A 98 7.59 -16.31 12.58
N GLN A 99 7.67 -15.65 11.43
CA GLN A 99 7.34 -16.27 10.15
C GLN A 99 8.42 -16.10 9.10
N SER A 100 9.61 -15.68 9.52
CA SER A 100 10.69 -15.42 8.55
C SER A 100 11.07 -16.73 7.90
N ALA A 101 11.46 -16.65 6.63
CA ALA A 101 11.85 -17.82 5.84
C ALA A 101 13.36 -17.77 5.58
N ALA A 102 13.95 -18.92 5.20
CA ALA A 102 15.36 -18.96 4.81
C ALA A 102 15.59 -18.53 3.36
N ILE A 103 16.62 -17.72 3.13
CA ILE A 103 17.02 -17.35 1.79
C ILE A 103 17.75 -18.55 1.20
N PRO A 104 17.58 -18.80 -0.11
CA PRO A 104 18.17 -20.05 -0.61
C PRO A 104 19.68 -20.08 -0.43
N GLY A 105 20.20 -21.21 0.04
CA GLY A 105 21.63 -21.40 0.20
C GLY A 105 22.17 -20.93 1.55
N ALA A 106 21.42 -20.04 2.19
CA ALA A 106 21.91 -19.40 3.41
C ALA A 106 22.19 -20.39 4.53
N VAL A 107 21.22 -21.25 4.82
CA VAL A 107 21.44 -22.19 5.93
C VAL A 107 22.65 -23.10 5.68
N GLU A 108 22.75 -23.69 4.49
CA GLU A 108 23.90 -24.55 4.18
C GLU A 108 25.24 -23.82 4.36
N PHE A 109 25.36 -22.61 3.80
CA PHE A 109 26.61 -21.87 3.89
C PHE A 109 27.00 -21.61 5.35
N SER A 110 26.07 -21.04 6.11
CA SER A 110 26.31 -20.70 7.51
C SER A 110 26.74 -21.90 8.36
N ASN A 111 26.03 -23.00 8.18
CA ASN A 111 26.34 -24.20 8.97
C ASN A 111 27.64 -24.80 8.49
N TYR A 112 27.94 -24.60 7.20
CA TYR A 112 29.19 -25.07 6.62
C TYR A 112 30.37 -24.34 7.27
N VAL A 113 30.26 -23.02 7.37
CA VAL A 113 31.32 -22.24 7.97
C VAL A 113 31.56 -22.73 9.39
N ASN A 114 30.49 -22.83 10.17
CA ASN A 114 30.61 -23.15 11.58
C ASN A 114 31.18 -24.55 11.84
N ALA A 115 30.96 -25.47 10.90
CA ALA A 115 31.46 -26.83 11.07
C ALA A 115 32.81 -27.07 10.38
N ASN A 116 33.34 -26.03 9.74
CA ASN A 116 34.57 -26.18 8.98
C ASN A 116 35.65 -25.14 9.24
N GLY A 117 35.87 -24.81 10.50
CA GLY A 117 36.99 -23.99 10.90
C GLY A 117 36.77 -22.49 10.98
N GLY A 118 35.52 -22.05 10.86
CA GLY A 118 35.20 -20.63 10.98
C GLY A 118 34.13 -20.39 12.03
N THR A 119 33.90 -19.14 12.39
CA THR A 119 32.77 -18.79 13.26
C THR A 119 31.88 -17.74 12.60
N MET A 120 30.58 -17.99 12.59
CA MET A 120 29.63 -17.06 11.98
C MET A 120 29.19 -15.98 12.98
N PHE A 121 29.23 -14.72 12.56
CA PHE A 121 28.64 -13.65 13.36
C PHE A 121 27.50 -12.98 12.61
N PHE A 122 26.41 -12.78 13.33
CA PHE A 122 25.18 -12.26 12.74
C PHE A 122 24.95 -10.85 13.26
N VAL A 123 25.39 -9.87 12.49
CA VAL A 123 25.28 -8.47 12.85
C VAL A 123 24.14 -7.86 12.08
N SER A 124 23.09 -7.50 12.81
CA SER A 124 21.81 -7.21 12.19
C SER A 124 21.16 -6.00 12.82
N ASN A 125 20.39 -5.26 12.04
CA ASN A 125 19.70 -4.10 12.56
C ASN A 125 18.29 -4.36 13.08
N ARG A 126 17.96 -5.62 13.31
CA ARG A 126 16.82 -5.93 14.15
C ARG A 126 17.20 -5.44 15.54
N ARG A 127 16.23 -4.94 16.29
CA ARG A 127 16.53 -4.32 17.58
C ARG A 127 16.85 -5.33 18.69
N ASP A 128 17.98 -5.10 19.37
CA ASP A 128 18.41 -5.96 20.46
C ASP A 128 17.36 -6.00 21.57
N ASP A 129 16.66 -4.90 21.75
CA ASP A 129 15.74 -4.79 22.88
C ASP A 129 14.42 -5.54 22.70
N VAL A 130 13.80 -5.41 21.53
CA VAL A 130 12.46 -5.98 21.35
C VAL A 130 12.29 -6.95 20.18
N GLU A 131 13.38 -7.29 19.51
CA GLU A 131 13.28 -8.13 18.33
C GLU A 131 14.24 -9.31 18.40
N LYS A 132 14.87 -9.48 19.56
CA LYS A 132 15.84 -10.55 19.71
C LYS A 132 15.14 -11.90 19.84
N ALA A 133 14.10 -11.95 20.66
CA ALA A 133 13.39 -13.20 20.93
C ALA A 133 12.78 -13.82 19.67
N GLY A 134 12.15 -13.00 18.86
CA GLY A 134 11.57 -13.48 17.60
C GLY A 134 12.67 -13.93 16.66
N THR A 135 13.78 -13.21 16.68
CA THR A 135 14.91 -13.56 15.84
C THR A 135 15.50 -14.91 16.25
N VAL A 136 15.69 -15.09 17.55
CA VAL A 136 16.26 -16.34 18.05
C VAL A 136 15.38 -17.53 17.68
N ASP A 137 14.06 -17.40 17.85
CA ASP A 137 13.15 -18.50 17.55
C ASP A 137 13.14 -18.88 16.06
N ASP A 138 13.06 -17.88 15.17
CA ASP A 138 13.04 -18.14 13.74
C ASP A 138 14.34 -18.79 13.24
N MET A 139 15.48 -18.37 13.80
CA MET A 139 16.75 -18.94 13.41
C MET A 139 16.94 -20.38 13.91
N LYS A 140 16.42 -20.69 15.10
CA LYS A 140 16.42 -22.08 15.58
C LYS A 140 15.55 -22.94 14.68
N ARG A 141 14.38 -22.43 14.31
CA ARG A 141 13.45 -23.19 13.48
C ARG A 141 14.04 -23.49 12.09
N LEU A 142 14.79 -22.54 11.54
CA LEU A 142 15.31 -22.65 10.18
C LEU A 142 16.55 -23.53 10.09
N GLY A 143 17.16 -23.76 11.25
CA GLY A 143 18.29 -24.67 11.34
C GLY A 143 19.65 -23.98 11.41
N PHE A 144 19.67 -22.67 11.62
CA PHE A 144 20.95 -21.97 11.77
C PHE A 144 21.67 -22.38 13.08
N THR A 145 22.82 -23.04 12.97
CA THR A 145 23.60 -23.38 14.17
C THR A 145 24.42 -22.19 14.65
N GLY A 146 24.80 -22.21 15.93
CA GLY A 146 25.74 -21.24 16.47
C GLY A 146 25.22 -19.83 16.73
N VAL A 147 23.93 -19.72 17.01
CA VAL A 147 23.32 -18.42 17.30
C VAL A 147 23.20 -18.24 18.82
N ASN A 148 24.04 -17.37 19.38
CA ASN A 148 24.02 -17.17 20.83
C ASN A 148 24.27 -15.74 21.28
N ASP A 149 24.55 -15.56 22.55
CA ASP A 149 24.75 -14.24 23.13
C ASP A 149 26.05 -13.62 22.64
N LYS A 150 26.95 -14.48 22.16
CA LYS A 150 28.23 -14.04 21.62
C LYS A 150 28.16 -13.72 20.12
N THR A 151 27.41 -14.51 19.37
CA THR A 151 27.46 -14.42 17.92
C THR A 151 26.34 -13.58 17.30
N LEU A 152 25.34 -13.22 18.10
CA LEU A 152 24.22 -12.44 17.58
C LEU A 152 24.32 -11.00 18.05
N LEU A 153 24.79 -10.13 17.15
CA LEU A 153 25.02 -8.74 17.49
C LEU A 153 23.92 -7.86 16.90
N LEU A 154 22.83 -7.72 17.66
CA LEU A 154 21.69 -6.93 17.22
C LEU A 154 21.89 -5.45 17.50
N LYS A 155 20.98 -4.63 16.98
CA LYS A 155 21.14 -3.20 17.03
C LYS A 155 20.89 -2.64 18.42
N LYS A 156 21.76 -1.74 18.85
CA LYS A 156 21.55 -0.99 20.09
C LYS A 156 21.22 0.46 19.77
N ASP A 157 22.21 1.34 19.90
CA ASP A 157 21.99 2.77 19.64
C ASP A 157 22.35 3.22 18.23
N LYS A 158 23.06 2.38 17.49
CA LYS A 158 23.58 2.79 16.17
C LYS A 158 23.22 1.84 15.01
N SER A 159 22.89 2.41 13.86
CA SER A 159 22.57 1.64 12.66
C SER A 159 23.82 1.20 11.89
N ASN A 160 24.89 1.99 11.94
CA ASN A 160 26.14 1.54 11.32
C ASN A 160 26.74 0.38 12.09
N LYS A 161 27.49 -0.46 11.38
CA LYS A 161 27.97 -1.71 11.98
C LYS A 161 29.45 -1.74 12.38
N SER A 162 30.18 -0.65 12.16
CA SER A 162 31.62 -0.64 12.43
C SER A 162 31.95 -0.93 13.90
N VAL A 163 31.09 -0.51 14.82
CA VAL A 163 31.29 -0.80 16.25
C VAL A 163 31.09 -2.28 16.61
N ARG A 164 30.03 -2.89 16.09
CA ARG A 164 29.84 -4.32 16.31
C ARG A 164 30.93 -5.11 15.59
N PHE A 165 31.31 -4.65 14.41
CA PHE A 165 32.40 -5.30 13.68
C PHE A 165 33.66 -5.33 14.53
N LYS A 166 34.00 -4.19 15.13
CA LYS A 166 35.20 -4.11 15.96
C LYS A 166 35.11 -4.97 17.22
N GLN A 167 33.90 -5.11 17.76
CA GLN A 167 33.65 -6.00 18.88
C GLN A 167 34.01 -7.43 18.52
N VAL A 168 33.71 -7.80 17.28
CA VAL A 168 34.06 -9.11 16.78
C VAL A 168 35.58 -9.28 16.78
N GLU A 169 36.27 -8.27 16.25
CA GLU A 169 37.73 -8.34 16.16
C GLU A 169 38.41 -8.37 17.53
N ASP A 170 37.87 -7.61 18.49
CA ASP A 170 38.43 -7.58 19.85
C ASP A 170 38.21 -8.88 20.64
N MET A 171 37.40 -9.78 20.10
CA MET A 171 37.23 -11.09 20.73
C MET A 171 38.30 -12.03 20.21
N GLY A 172 39.16 -11.50 19.36
CA GLY A 172 40.28 -12.25 18.83
C GLY A 172 39.95 -12.93 17.52
N TYR A 173 39.11 -12.28 16.71
CA TYR A 173 38.78 -12.79 15.38
C TYR A 173 39.34 -11.95 14.22
N ASP A 174 39.68 -12.63 13.14
CA ASP A 174 39.95 -11.99 11.86
C ASP A 174 38.74 -12.18 10.94
N ILE A 175 38.04 -11.09 10.62
CA ILE A 175 36.87 -11.18 9.75
C ILE A 175 37.33 -11.35 8.30
N VAL A 176 37.19 -12.55 7.76
CA VAL A 176 37.73 -12.86 6.43
C VAL A 176 36.75 -12.58 5.31
N LEU A 177 35.49 -12.38 5.67
CA LEU A 177 34.42 -12.35 4.69
C LEU A 177 33.18 -11.63 5.23
N PHE A 178 32.61 -10.75 4.42
CA PHE A 178 31.36 -10.06 4.79
C PHE A 178 30.26 -10.38 3.78
N VAL A 179 29.05 -10.67 4.28
CA VAL A 179 27.90 -10.94 3.40
C VAL A 179 26.74 -9.98 3.68
N GLY A 180 26.07 -9.50 2.63
CA GLY A 180 24.98 -8.57 2.85
C GLY A 180 24.25 -8.12 1.61
N ASP A 181 23.14 -7.43 1.85
CA ASP A 181 22.32 -6.89 0.77
C ASP A 181 22.45 -5.35 0.72
N ASN A 182 23.13 -4.77 1.72
CA ASN A 182 23.31 -3.31 1.84
C ASN A 182 24.81 -3.02 1.90
N LEU A 183 25.28 -2.00 1.19
CA LEU A 183 26.73 -1.75 1.15
C LEU A 183 27.27 -1.44 2.54
N ASN A 184 26.42 -0.91 3.42
CA ASN A 184 26.86 -0.65 4.80
C ASN A 184 27.27 -1.94 5.51
N ASP A 185 26.83 -3.09 4.97
CA ASP A 185 27.14 -4.39 5.56
C ASP A 185 28.61 -4.74 5.34
N PHE A 186 29.33 -3.86 4.65
CA PHE A 186 30.74 -4.09 4.36
C PHE A 186 31.65 -3.08 5.08
N GLY A 187 31.05 -2.21 5.90
CA GLY A 187 31.79 -1.22 6.68
C GLY A 187 31.11 0.14 6.56
N ASP A 188 31.58 1.11 7.33
CA ASP A 188 30.96 2.43 7.36
C ASP A 188 31.21 3.33 6.14
N ALA A 189 32.05 2.90 5.20
CA ALA A 189 32.40 3.77 4.06
C ALA A 189 31.20 4.34 3.30
N THR A 190 30.12 3.56 3.21
CA THR A 190 28.94 3.98 2.47
C THR A 190 27.85 4.58 3.36
N TYR A 191 28.08 4.61 4.68
CA TYR A 191 27.03 4.97 5.64
C TYR A 191 26.52 6.40 5.44
N LYS A 192 25.20 6.54 5.32
CA LYS A 192 24.56 7.84 5.11
C LYS A 192 24.97 8.59 3.84
N LYS A 193 25.60 7.92 2.89
CA LYS A 193 26.01 8.54 1.63
C LYS A 193 24.97 8.46 0.51
N SER A 194 25.10 9.33 -0.47
CA SER A 194 24.20 9.35 -1.63
C SER A 194 24.44 8.11 -2.50
N ASN A 195 23.49 7.76 -3.35
CA ASN A 195 23.69 6.66 -4.29
C ASN A 195 24.92 6.86 -5.18
N ALA A 196 25.11 8.08 -5.67
CA ALA A 196 26.25 8.39 -6.52
C ALA A 196 27.57 8.06 -5.82
N GLU A 197 27.66 8.45 -4.54
CA GLU A 197 28.85 8.19 -3.73
C GLU A 197 29.02 6.69 -3.47
N ARG A 198 27.91 6.03 -3.17
CA ARG A 198 27.92 4.57 -2.98
C ARG A 198 28.36 3.85 -4.26
N ARG A 199 27.88 4.32 -5.42
CA ARG A 199 28.34 3.78 -6.70
C ARG A 199 29.84 4.01 -6.96
N ASP A 200 30.41 5.04 -6.37
CA ASP A 200 31.82 5.30 -6.59
C ASP A 200 32.64 4.37 -5.72
N PHE A 201 32.14 4.12 -4.53
CA PHE A 201 32.71 3.13 -3.63
C PHE A 201 32.78 1.78 -4.33
N VAL A 202 31.66 1.39 -4.94
CA VAL A 202 31.61 0.14 -5.70
C VAL A 202 32.71 0.11 -6.77
N ALA A 203 32.75 1.12 -7.63
CA ALA A 203 33.73 1.18 -8.71
C ALA A 203 35.15 1.05 -8.16
N LYS A 204 35.45 1.83 -7.12
CA LYS A 204 36.79 1.84 -6.54
C LYS A 204 37.15 0.50 -5.88
N ASN A 205 36.15 -0.31 -5.56
CA ASN A 205 36.37 -1.60 -4.91
C ASN A 205 35.85 -2.78 -5.73
N SER A 206 35.70 -2.56 -7.04
CA SER A 206 34.99 -3.50 -7.92
C SER A 206 35.49 -4.93 -7.82
N LYS A 207 36.80 -5.09 -7.67
CA LYS A 207 37.38 -6.43 -7.61
C LYS A 207 37.09 -7.17 -6.30
N ALA A 208 36.59 -6.44 -5.30
CA ALA A 208 36.31 -7.04 -3.99
C ALA A 208 35.06 -7.93 -3.99
N PHE A 209 34.12 -7.66 -4.87
CA PHE A 209 32.78 -8.24 -4.77
C PHE A 209 32.77 -9.67 -5.26
N GLY A 210 32.32 -10.57 -4.39
CA GLY A 210 32.40 -12.00 -4.63
C GLY A 210 33.69 -12.58 -4.07
N LYS A 211 34.48 -11.75 -3.39
CA LYS A 211 35.76 -12.21 -2.85
C LYS A 211 35.87 -11.93 -1.36
N LYS A 212 35.76 -10.66 -0.96
CA LYS A 212 35.66 -10.33 0.46
C LYS A 212 34.28 -9.79 0.79
N PHE A 213 33.62 -9.20 -0.19
CA PHE A 213 32.28 -8.63 -0.01
C PHE A 213 31.28 -9.44 -0.85
N ILE A 214 30.36 -10.15 -0.19
CA ILE A 214 29.37 -10.96 -0.91
C ILE A 214 28.01 -10.28 -0.91
N VAL A 215 27.45 -10.06 -2.10
CA VAL A 215 26.22 -9.27 -2.24
C VAL A 215 24.98 -10.11 -2.51
N LEU A 216 23.88 -9.77 -1.83
CA LEU A 216 22.56 -10.34 -2.08
C LEU A 216 21.63 -9.26 -2.59
N PRO A 217 20.73 -9.59 -3.53
CA PRO A 217 19.83 -8.59 -4.11
C PRO A 217 18.70 -8.22 -3.14
N ASN A 218 18.40 -6.93 -3.05
CA ASN A 218 17.26 -6.48 -2.27
C ASN A 218 16.66 -5.26 -2.95
N THR A 219 15.63 -5.47 -3.77
CA THR A 219 15.04 -4.38 -4.53
CA THR A 219 15.02 -4.40 -4.55
C THR A 219 13.82 -3.82 -3.83
N GLN A 220 13.57 -4.30 -2.61
CA GLN A 220 12.40 -3.88 -1.84
C GLN A 220 12.66 -2.66 -0.95
N TYR A 221 13.84 -2.58 -0.37
CA TYR A 221 14.16 -1.51 0.57
C TYR A 221 15.67 -1.42 0.80
N GLY A 222 16.13 -0.35 1.46
CA GLY A 222 17.54 -0.24 1.79
C GLY A 222 18.03 1.20 1.85
N ASP A 223 19.33 1.35 2.10
CA ASP A 223 19.92 2.68 2.15
C ASP A 223 20.14 3.26 0.77
N TRP A 224 19.86 2.48 -0.27
CA TRP A 224 19.73 3.05 -1.60
C TRP A 224 18.46 3.87 -1.70
N GLU A 225 17.50 3.69 -0.78
CA GLU A 225 16.32 4.55 -0.75
CA GLU A 225 16.33 4.55 -0.79
C GLU A 225 16.68 5.92 -0.20
N GLY A 226 17.31 5.92 0.96
CA GLY A 226 17.74 7.17 1.58
C GLY A 226 18.74 7.90 0.70
N GLY A 227 19.57 7.13 -0.02
CA GLY A 227 20.59 7.69 -0.88
C GLY A 227 20.05 8.41 -2.10
N LEU A 228 18.73 8.47 -2.23
CA LEU A 228 18.13 9.16 -3.38
C LEU A 228 18.17 10.68 -3.18
N ASP A 229 18.10 11.12 -1.94
CA ASP A 229 17.99 12.54 -1.62
C ASP A 229 18.25 12.75 -0.13
N LYS A 230 18.99 13.80 0.21
CA LYS A 230 19.35 14.10 1.59
C LYS A 230 18.14 14.30 2.50
N ASN A 231 17.01 14.67 1.91
CA ASN A 231 15.77 14.88 2.68
C ASN A 231 14.65 13.98 2.22
N TYR A 232 15.01 12.77 1.80
CA TYR A 232 14.02 11.82 1.29
C TYR A 232 12.94 11.55 2.32
N PHE A 233 13.36 11.28 3.56
CA PHE A 233 12.42 10.86 4.59
C PHE A 233 11.90 12.03 5.43
N LYS A 234 12.30 13.23 5.05
CA LYS A 234 11.78 14.44 5.69
C LYS A 234 10.46 14.88 5.05
N GLY A 235 10.26 14.53 3.78
CA GLY A 235 9.06 14.92 3.06
C GLY A 235 7.90 13.94 3.18
N ASP A 236 6.72 14.37 2.75
CA ASP A 236 5.55 13.49 2.72
C ASP A 236 5.63 12.55 1.53
N SER A 237 4.61 11.71 1.36
CA SER A 237 4.59 10.69 0.31
C SER A 237 4.62 11.29 -1.09
N GLN A 238 3.97 12.45 -1.26
CA GLN A 238 4.00 13.14 -2.54
C GLN A 238 5.44 13.51 -2.90
N SER A 239 6.21 13.99 -1.92
CA SER A 239 7.59 14.39 -2.20
C SER A 239 8.45 13.17 -2.51
N LYS A 240 8.14 12.03 -1.90
CA LYS A 240 8.89 10.81 -2.19
C LYS A 240 8.63 10.40 -3.62
N LEU A 241 7.36 10.47 -4.03
CA LEU A 241 6.98 10.19 -5.41
C LEU A 241 7.77 11.04 -6.39
N ASP A 242 7.90 12.33 -6.09
CA ASP A 242 8.64 13.26 -6.94
C ASP A 242 10.12 12.90 -7.02
N VAL A 243 10.73 12.61 -5.87
CA VAL A 243 12.13 12.23 -5.84
C VAL A 243 12.32 10.96 -6.65
N ARG A 244 11.43 9.99 -6.42
CA ARG A 244 11.52 8.73 -7.14
C ARG A 244 11.40 8.94 -8.63
N ALA A 245 10.43 9.75 -9.05
CA ALA A 245 10.25 10.06 -10.46
C ALA A 245 11.51 10.67 -11.06
N LYS A 246 12.13 11.59 -10.31
CA LYS A 246 13.30 12.31 -10.79
C LYS A 246 14.51 11.39 -10.86
N ALA A 247 14.48 10.29 -10.11
CA ALA A 247 15.60 9.36 -10.09
C ALA A 247 15.70 8.50 -11.34
N ILE A 248 14.58 8.34 -12.05
CA ILE A 248 14.57 7.49 -13.24
C ILE A 248 15.15 8.18 -14.47
N HIS A 249 16.04 7.51 -15.20
CA HIS A 249 16.41 8.06 -16.51
C HIS A 249 15.71 7.33 -17.66
N ALA A 250 15.19 8.10 -18.61
CA ALA A 250 14.26 7.59 -19.62
C ALA A 250 14.64 7.97 -21.04
N TRP A 251 14.57 7.01 -21.96
CA TRP A 251 14.63 7.29 -23.38
C TRP A 251 13.48 8.26 -23.70
N ASP A 252 13.71 9.18 -24.65
CA ASP A 252 12.70 10.19 -24.98
C ASP A 252 11.63 9.66 -25.94
N GLY A 253 11.79 8.42 -26.37
CA GLY A 253 10.80 7.77 -27.22
C GLY A 253 10.91 8.15 -28.69
N LYS A 254 11.80 9.11 -28.99
CA LYS A 254 12.00 9.55 -30.36
C LYS A 254 13.36 9.06 -30.90
N ALA B 7 -9.65 3.00 -23.69
CA ALA B 7 -9.60 3.93 -22.57
C ALA B 7 -9.16 3.23 -21.29
N VAL B 8 -10.00 2.32 -20.79
CA VAL B 8 -9.67 1.55 -19.60
C VAL B 8 -8.39 0.75 -19.78
N GLU B 9 -8.22 0.17 -20.95
CA GLU B 9 -7.08 -0.72 -21.21
C GLU B 9 -5.76 0.04 -21.16
N GLN B 10 -5.79 1.30 -21.56
CA GLN B 10 -4.60 2.13 -21.55
C GLN B 10 -4.27 2.60 -20.14
N ALA B 11 -5.30 2.94 -19.36
CA ALA B 11 -5.07 3.30 -17.97
C ALA B 11 -4.46 2.11 -17.20
N ASN B 12 -4.90 0.89 -17.54
CA ASN B 12 -4.35 -0.30 -16.89
C ASN B 12 -2.93 -0.62 -17.36
N GLN B 13 -2.66 -0.37 -18.63
CA GLN B 13 -1.32 -0.58 -19.18
C GLN B 13 -0.31 0.33 -18.45
N ALA B 14 -0.71 1.57 -18.20
CA ALA B 14 0.10 2.52 -17.45
C ALA B 14 0.31 2.05 -16.01
N LYS B 15 -0.75 1.52 -15.42
CA LYS B 15 -0.69 0.93 -14.10
C LYS B 15 0.34 -0.20 -14.05
N LEU B 16 0.36 -1.01 -15.10
CA LEU B 16 1.35 -2.08 -15.22
C LEU B 16 2.80 -1.55 -15.21
N GLN B 17 3.04 -0.37 -15.80
CA GLN B 17 4.41 0.12 -15.91
C GLN B 17 4.89 0.74 -14.61
N GLN B 18 3.96 1.35 -13.88
CA GLN B 18 4.30 1.97 -12.62
C GLN B 18 4.87 0.98 -11.60
N GLN B 19 4.46 -0.29 -11.71
CA GLN B 19 4.89 -1.35 -10.79
C GLN B 19 6.36 -1.74 -10.89
N VAL B 20 7.03 -1.30 -11.94
CA VAL B 20 8.47 -1.60 -12.08
C VAL B 20 9.34 -0.47 -11.54
N ALA B 21 8.73 0.60 -11.02
CA ALA B 21 9.49 1.82 -10.72
C ALA B 21 10.57 1.64 -9.65
N MET B 22 10.28 0.89 -8.59
CA MET B 22 11.28 0.72 -7.53
C MET B 22 12.43 -0.17 -8.01
N GLY B 23 12.10 -1.30 -8.61
CA GLY B 23 13.14 -2.15 -9.19
C GLY B 23 13.98 -1.31 -10.16
N LEU B 24 13.33 -0.44 -10.91
CA LEU B 24 14.03 0.30 -11.93
C LEU B 24 14.99 1.30 -11.27
N ILE B 25 14.50 2.03 -10.26
CA ILE B 25 15.34 2.97 -9.51
C ILE B 25 16.52 2.26 -8.86
N TRP B 26 16.24 1.11 -8.24
CA TRP B 26 17.32 0.31 -7.66
C TRP B 26 18.36 -0.03 -8.73
N THR B 27 17.90 -0.46 -9.90
CA THR B 27 18.82 -0.84 -11.00
C THR B 27 19.62 0.39 -11.49
N GLN B 28 18.93 1.49 -11.69
CA GLN B 28 19.60 2.68 -12.23
C GLN B 28 20.52 3.43 -11.25
N GLN B 29 20.24 3.33 -9.96
CA GLN B 29 20.87 4.21 -8.96
C GLN B 29 21.71 3.53 -7.88
N SER B 30 21.35 2.31 -7.49
CA SER B 30 21.99 1.69 -6.35
C SER B 30 23.43 1.26 -6.63
N GLY B 31 24.27 1.41 -5.61
CA GLY B 31 25.60 0.82 -5.62
C GLY B 31 25.45 -0.69 -5.54
N GLU B 32 24.40 -1.13 -4.85
CA GLU B 32 24.09 -2.55 -4.74
C GLU B 32 23.96 -3.24 -6.11
N TYR B 33 23.22 -2.65 -7.04
CA TYR B 33 23.12 -3.29 -8.36
C TYR B 33 24.47 -3.37 -9.10
N ALA B 34 25.23 -2.28 -9.06
CA ALA B 34 26.54 -2.27 -9.71
C ALA B 34 27.45 -3.34 -9.11
N ALA B 35 27.35 -3.54 -7.80
CA ALA B 35 28.20 -4.50 -7.08
C ALA B 35 27.84 -5.95 -7.41
N LEU B 36 26.56 -6.20 -7.67
CA LEU B 36 26.08 -7.50 -8.15
C LEU B 36 26.59 -7.78 -9.57
N ALA B 37 26.66 -6.72 -10.37
CA ALA B 37 27.21 -6.84 -11.73
C ALA B 37 28.69 -7.24 -11.65
N HIS B 38 29.47 -6.53 -10.87
CA HIS B 38 30.88 -6.91 -10.68
C HIS B 38 31.05 -8.29 -10.04
N GLN B 39 30.17 -8.62 -9.11
CA GLN B 39 30.27 -9.91 -8.44
C GLN B 39 30.09 -11.00 -9.49
N ALA B 40 29.16 -10.77 -10.40
CA ALA B 40 28.94 -11.69 -11.54
C ALA B 40 30.20 -11.84 -12.40
N PHE B 41 30.76 -10.70 -12.82
CA PHE B 41 31.91 -10.73 -13.71
C PHE B 41 33.20 -11.17 -13.04
N ASN B 42 33.36 -10.87 -11.75
CA ASN B 42 34.50 -11.43 -11.02
C ASN B 42 34.41 -12.96 -11.00
N SER B 43 33.21 -13.47 -10.72
CA SER B 43 32.98 -14.92 -10.73
CA SER B 43 32.98 -14.92 -10.73
C SER B 43 33.24 -15.49 -12.11
N ALA B 44 32.78 -14.79 -13.14
CA ALA B 44 32.92 -15.28 -14.50
C ALA B 44 34.40 -15.39 -14.87
N LYS B 45 35.18 -14.37 -14.50
CA LYS B 45 36.60 -14.39 -14.78
C LYS B 45 37.27 -15.58 -14.14
N MET B 46 36.94 -15.82 -12.86
CA MET B 46 37.52 -16.94 -12.13
C MET B 46 37.14 -18.27 -12.78
N ALA B 47 35.85 -18.43 -13.08
CA ALA B 47 35.37 -19.64 -13.75
C ALA B 47 36.10 -19.85 -15.09
N PHE B 48 36.24 -18.79 -15.88
CA PHE B 48 36.92 -18.86 -17.16
C PHE B 48 38.38 -19.29 -17.01
N ASP B 49 39.10 -18.64 -16.12
CA ASP B 49 40.52 -18.94 -15.93
C ASP B 49 40.72 -20.41 -15.59
N HIS B 50 39.79 -20.98 -14.85
CA HIS B 50 39.96 -22.34 -14.36
C HIS B 50 39.42 -23.40 -15.31
N ALA B 51 38.59 -22.97 -16.26
CA ALA B 51 37.99 -23.91 -17.21
C ALA B 51 38.98 -24.38 -18.28
N LYS B 52 38.85 -25.64 -18.68
CA LYS B 52 39.64 -26.17 -19.79
C LYS B 52 38.67 -26.62 -20.88
N ALA B 53 38.95 -26.23 -22.12
CA ALA B 53 38.15 -26.69 -23.25
C ALA B 53 38.45 -28.15 -23.52
N LYS B 54 37.41 -28.91 -23.86
CA LYS B 54 37.58 -30.31 -24.25
C LYS B 54 38.72 -30.43 -25.26
N LYS B 55 39.47 -31.53 -25.18
CA LYS B 55 40.59 -31.74 -26.09
C LYS B 55 40.12 -31.62 -27.53
N GLY B 56 40.84 -30.84 -28.33
CA GLY B 56 40.49 -30.63 -29.72
C GLY B 56 39.43 -29.56 -29.92
N LYS B 57 38.98 -28.96 -28.82
CA LYS B 57 37.93 -27.95 -28.89
C LYS B 57 38.49 -26.57 -28.57
N LYS B 58 37.86 -25.55 -29.16
CA LYS B 58 38.18 -24.16 -28.84
C LYS B 58 37.34 -23.70 -27.64
N LYS B 59 37.96 -22.90 -26.78
CA LYS B 59 37.32 -22.44 -25.54
C LYS B 59 36.35 -21.31 -25.86
N ALA B 60 35.07 -21.50 -25.55
CA ALA B 60 34.08 -20.45 -25.81
C ALA B 60 33.33 -20.00 -24.56
N VAL B 61 32.86 -18.76 -24.58
CA VAL B 61 32.00 -18.21 -23.54
C VAL B 61 30.80 -17.62 -24.26
N VAL B 62 29.60 -17.95 -23.79
CA VAL B 62 28.37 -17.45 -24.41
C VAL B 62 27.66 -16.49 -23.45
N VAL B 63 27.30 -15.31 -23.93
CA VAL B 63 26.58 -14.36 -23.10
C VAL B 63 25.33 -13.84 -23.81
N ASP B 64 24.33 -13.40 -23.04
CA ASP B 64 23.23 -12.60 -23.59
C ASP B 64 23.68 -11.14 -23.63
N LEU B 65 22.96 -10.30 -24.35
CA LEU B 65 23.33 -8.90 -24.43
C LEU B 65 22.47 -8.04 -23.51
N ASP B 66 21.19 -7.91 -23.83
CA ASP B 66 20.32 -7.00 -23.10
C ASP B 66 20.31 -7.31 -21.60
N GLU B 67 20.65 -6.33 -20.77
CA GLU B 67 20.64 -6.48 -19.31
C GLU B 67 21.63 -7.52 -18.81
N THR B 68 22.63 -7.83 -19.64
CA THR B 68 23.71 -8.72 -19.26
C THR B 68 25.04 -8.03 -19.54
N MET B 69 25.28 -7.72 -20.81
CA MET B 69 26.45 -6.97 -21.26
CA MET B 69 26.45 -6.96 -21.19
C MET B 69 26.08 -5.50 -21.47
N ILE B 70 24.82 -5.28 -21.86
CA ILE B 70 24.30 -3.98 -22.32
C ILE B 70 23.11 -3.52 -21.50
N ASP B 71 23.00 -2.21 -21.31
CA ASP B 71 22.04 -1.62 -20.37
C ASP B 71 20.96 -0.86 -21.12
N ASN B 72 19.75 -1.44 -21.17
CA ASN B 72 18.59 -0.84 -21.85
C ASN B 72 17.58 -0.27 -20.86
N SER B 73 18.03 0.01 -19.64
CA SER B 73 17.14 0.48 -18.58
C SER B 73 16.43 1.78 -18.98
N ALA B 74 17.00 2.53 -19.92
CA ALA B 74 16.34 3.75 -20.41
C ALA B 74 15.00 3.46 -21.13
N TYR B 75 14.91 2.29 -21.76
CA TYR B 75 13.64 1.87 -22.37
C TYR B 75 12.59 1.66 -21.27
N ALA B 76 12.98 0.96 -20.21
CA ALA B 76 12.08 0.77 -19.06
C ALA B 76 11.64 2.12 -18.50
N GLY B 77 12.56 3.08 -18.42
CA GLY B 77 12.21 4.41 -17.96
C GLY B 77 11.18 5.04 -18.88
N TRP B 78 11.38 4.89 -20.18
CA TRP B 78 10.42 5.39 -21.16
C TRP B 78 9.04 4.78 -20.94
N GLN B 79 9.01 3.47 -20.64
CA GLN B 79 7.75 2.78 -20.35
C GLN B 79 7.01 3.38 -19.14
N VAL B 80 7.73 3.58 -18.04
CA VAL B 80 7.12 4.15 -16.84
C VAL B 80 6.54 5.52 -17.13
N GLN B 81 7.31 6.35 -17.82
CA GLN B 81 6.92 7.74 -18.06
C GLN B 81 5.78 7.88 -19.05
N SER B 82 5.76 7.01 -20.05
CA SER B 82 4.76 7.08 -21.12
C SER B 82 3.53 6.25 -20.78
N GLY B 83 3.72 5.25 -19.92
CA GLY B 83 2.66 4.34 -19.53
C GLY B 83 2.40 3.26 -20.57
N GLN B 84 3.31 3.15 -21.53
CA GLN B 84 3.19 2.16 -22.59
C GLN B 84 3.94 0.88 -22.28
N GLY B 85 3.36 -0.25 -22.65
CA GLY B 85 4.02 -1.52 -22.47
C GLY B 85 4.97 -1.76 -23.63
N PHE B 86 5.75 -2.83 -23.54
CA PHE B 86 6.66 -3.23 -24.61
C PHE B 86 5.88 -3.49 -25.89
N SER B 87 6.48 -3.18 -27.03
CA SER B 87 5.99 -3.67 -28.32
C SER B 87 7.18 -3.74 -29.27
N PRO B 88 7.16 -4.69 -30.21
CA PRO B 88 8.26 -4.89 -31.14
C PRO B 88 8.61 -3.61 -31.90
N LYS B 89 7.59 -2.82 -32.22
CA LYS B 89 7.79 -1.60 -33.00
C LYS B 89 8.58 -0.55 -32.23
N THR B 90 8.18 -0.26 -30.99
CA THR B 90 8.94 0.73 -30.21
C THR B 90 10.29 0.20 -29.75
N TRP B 91 10.40 -1.10 -29.52
CA TRP B 91 11.70 -1.65 -29.16
C TRP B 91 12.71 -1.50 -30.30
N THR B 92 12.27 -1.71 -31.54
CA THR B 92 13.18 -1.51 -32.67
C THR B 92 13.62 -0.06 -32.71
N LYS B 93 12.68 0.85 -32.49
CA LYS B 93 12.98 2.28 -32.47
C LYS B 93 14.05 2.62 -31.42
N TRP B 94 13.93 2.03 -30.24
CA TRP B 94 14.94 2.18 -29.20
C TRP B 94 16.29 1.64 -29.66
N VAL B 95 16.28 0.45 -30.25
CA VAL B 95 17.52 -0.15 -30.73
C VAL B 95 18.22 0.80 -31.69
N ASP B 96 17.42 1.43 -32.55
CA ASP B 96 17.94 2.36 -33.57
C ASP B 96 18.39 3.70 -33.01
N ALA B 97 17.85 4.09 -31.87
CA ALA B 97 18.29 5.33 -31.24
C ALA B 97 19.70 5.19 -30.72
N ARG B 98 20.26 3.98 -30.82
CA ARG B 98 21.65 3.73 -30.46
C ARG B 98 22.09 4.46 -29.19
N GLN B 99 21.44 4.13 -28.08
CA GLN B 99 21.75 4.72 -26.78
C GLN B 99 22.05 3.71 -25.67
N SER B 100 22.25 2.44 -26.00
CA SER B 100 22.53 1.43 -24.98
C SER B 100 23.79 1.78 -24.19
N ALA B 101 23.79 1.47 -22.90
CA ALA B 101 24.97 1.66 -22.06
C ALA B 101 25.64 0.32 -21.77
N ALA B 102 26.84 0.37 -21.19
CA ALA B 102 27.52 -0.85 -20.75
C ALA B 102 27.16 -1.20 -19.30
N ILE B 103 26.87 -2.47 -19.06
CA ILE B 103 26.71 -2.95 -17.70
C ILE B 103 28.07 -2.88 -17.03
N PRO B 104 28.11 -2.53 -15.74
CA PRO B 104 29.42 -2.46 -15.08
C PRO B 104 30.16 -3.80 -15.15
N GLY B 105 31.46 -3.74 -15.44
CA GLY B 105 32.29 -4.94 -15.51
C GLY B 105 32.25 -5.72 -16.81
N ALA B 106 31.25 -5.44 -17.64
CA ALA B 106 30.99 -6.26 -18.82
C ALA B 106 32.06 -6.15 -19.90
N VAL B 107 32.37 -4.91 -20.28
CA VAL B 107 33.40 -4.71 -21.31
C VAL B 107 34.74 -5.33 -20.92
N GLU B 108 35.17 -5.13 -19.68
CA GLU B 108 36.46 -5.69 -19.22
C GLU B 108 36.49 -7.22 -19.26
N PHE B 109 35.43 -7.85 -18.78
CA PHE B 109 35.35 -9.31 -18.81
C PHE B 109 35.40 -9.82 -20.25
N SER B 110 34.50 -9.31 -21.08
CA SER B 110 34.37 -9.76 -22.46
C SER B 110 35.70 -9.57 -23.20
N ASN B 111 36.29 -8.39 -23.05
CA ASN B 111 37.58 -8.15 -23.72
C ASN B 111 38.70 -9.01 -23.13
N TYR B 112 38.60 -9.32 -21.84
CA TYR B 112 39.56 -10.21 -21.19
C TYR B 112 39.51 -11.61 -21.79
N VAL B 113 38.31 -12.13 -21.99
CA VAL B 113 38.17 -13.45 -22.58
C VAL B 113 38.81 -13.53 -23.96
N ASN B 114 38.44 -12.61 -24.84
CA ASN B 114 38.94 -12.62 -26.21
C ASN B 114 40.44 -12.39 -26.29
N ALA B 115 41.01 -11.84 -25.23
CA ALA B 115 42.44 -11.54 -25.21
C ALA B 115 43.24 -12.64 -24.51
N ASN B 116 42.53 -13.58 -23.89
CA ASN B 116 43.18 -14.57 -23.04
C ASN B 116 42.79 -16.02 -23.27
N GLY B 117 42.76 -16.43 -24.54
CA GLY B 117 42.62 -17.84 -24.88
C GLY B 117 41.21 -18.32 -25.16
N GLY B 118 40.24 -17.40 -25.19
CA GLY B 118 38.86 -17.77 -25.44
C GLY B 118 38.18 -16.90 -26.49
N THR B 119 36.97 -17.29 -26.89
CA THR B 119 36.20 -16.47 -27.83
C THR B 119 34.80 -16.22 -27.27
N MET B 120 34.39 -14.96 -27.24
CA MET B 120 33.06 -14.57 -26.79
C MET B 120 32.02 -14.73 -27.90
N PHE B 121 30.90 -15.35 -27.57
CA PHE B 121 29.73 -15.36 -28.45
C PHE B 121 28.56 -14.63 -27.81
N PHE B 122 27.89 -13.79 -28.62
CA PHE B 122 26.81 -12.93 -28.16
C PHE B 122 25.49 -13.39 -28.77
N VAL B 123 24.78 -14.24 -28.02
CA VAL B 123 23.54 -14.85 -28.47
C VAL B 123 22.38 -14.09 -27.83
N SER B 124 21.63 -13.36 -28.63
CA SER B 124 20.72 -12.34 -28.11
C SER B 124 19.39 -12.36 -28.82
N ASN B 125 18.35 -11.93 -28.13
CA ASN B 125 17.04 -11.88 -28.76
C ASN B 125 16.63 -10.56 -29.41
N ARG B 126 17.61 -9.67 -29.62
CA ARG B 126 17.42 -8.59 -30.59
C ARG B 126 17.28 -9.27 -31.95
N ARG B 127 16.57 -8.63 -32.87
CA ARG B 127 16.23 -9.27 -34.14
C ARG B 127 17.34 -9.19 -35.19
N ASP B 128 17.74 -10.33 -35.72
CA ASP B 128 18.74 -10.35 -36.78
C ASP B 128 18.29 -9.52 -37.98
N ASP B 129 16.99 -9.30 -38.12
CA ASP B 129 16.49 -8.66 -39.34
C ASP B 129 16.42 -7.13 -39.33
N VAL B 130 16.16 -6.52 -38.17
CA VAL B 130 16.02 -5.06 -38.09
C VAL B 130 16.74 -4.42 -36.91
N GLU B 131 17.40 -5.24 -36.10
CA GLU B 131 18.05 -4.72 -34.89
C GLU B 131 19.55 -4.98 -34.85
N LYS B 132 20.07 -5.54 -35.93
CA LYS B 132 21.51 -5.82 -35.99
C LYS B 132 22.32 -4.53 -36.13
N ALA B 133 21.94 -3.68 -37.07
CA ALA B 133 22.68 -2.44 -37.33
C ALA B 133 22.92 -1.65 -36.04
N GLY B 134 21.83 -1.28 -35.36
CA GLY B 134 21.93 -0.56 -34.10
C GLY B 134 22.77 -1.27 -33.06
N THR B 135 22.58 -2.58 -32.93
CA THR B 135 23.35 -3.37 -31.97
C THR B 135 24.85 -3.28 -32.26
N VAL B 136 25.21 -3.46 -33.52
CA VAL B 136 26.62 -3.38 -33.93
C VAL B 136 27.25 -2.02 -33.61
N ASP B 137 26.51 -0.94 -33.84
CA ASP B 137 27.03 0.41 -33.59
C ASP B 137 27.27 0.70 -32.10
N ASP B 138 26.34 0.27 -31.25
CA ASP B 138 26.46 0.47 -29.81
C ASP B 138 27.60 -0.36 -29.22
N MET B 139 27.75 -1.59 -29.70
CA MET B 139 28.83 -2.44 -29.18
C MET B 139 30.20 -1.93 -29.62
N LYS B 140 30.28 -1.39 -30.84
CA LYS B 140 31.50 -0.76 -31.32
C LYS B 140 31.80 0.46 -30.45
N ARG B 141 30.77 1.26 -30.20
CA ARG B 141 30.95 2.47 -29.38
C ARG B 141 31.45 2.13 -27.97
N LEU B 142 30.89 1.06 -27.38
CA LEU B 142 31.18 0.70 -25.99
C LEU B 142 32.51 -0.04 -25.86
N GLY B 143 33.09 -0.46 -26.98
CA GLY B 143 34.42 -1.02 -26.97
C GLY B 143 34.48 -2.53 -26.80
N PHE B 144 33.44 -3.23 -27.24
CA PHE B 144 33.45 -4.69 -27.23
C PHE B 144 34.22 -5.23 -28.45
N THR B 145 35.29 -5.98 -28.19
CA THR B 145 36.04 -6.57 -29.29
C THR B 145 35.38 -7.86 -29.79
N GLY B 146 35.71 -8.23 -31.02
CA GLY B 146 35.30 -9.52 -31.55
C GLY B 146 33.81 -9.68 -31.86
N VAL B 147 33.14 -8.57 -32.20
CA VAL B 147 31.75 -8.63 -32.64
C VAL B 147 31.67 -8.67 -34.18
N ASN B 148 31.37 -9.85 -34.72
CA ASN B 148 31.27 -10.02 -36.18
C ASN B 148 30.14 -10.96 -36.58
N ASP B 149 30.15 -11.40 -37.84
CA ASP B 149 29.12 -12.28 -38.37
C ASP B 149 29.16 -13.65 -37.73
N LYS B 150 30.31 -14.00 -37.18
CA LYS B 150 30.50 -15.33 -36.59
C LYS B 150 30.03 -15.37 -35.13
N THR B 151 30.31 -14.29 -34.40
CA THR B 151 30.18 -14.29 -32.96
C THR B 151 28.90 -13.61 -32.47
N LEU B 152 28.22 -12.89 -33.35
CA LEU B 152 26.96 -12.24 -32.98
C LEU B 152 25.75 -13.01 -33.54
N LEU B 153 25.06 -13.74 -32.66
CA LEU B 153 23.98 -14.60 -33.10
C LEU B 153 22.63 -14.07 -32.65
N LEU B 154 22.02 -13.23 -33.49
CA LEU B 154 20.75 -12.59 -33.13
C LEU B 154 19.56 -13.49 -33.46
N LYS B 155 18.37 -13.04 -33.07
CA LYS B 155 17.17 -13.87 -33.22
C LYS B 155 16.64 -13.94 -34.64
N LYS B 156 16.40 -15.16 -35.11
CA LYS B 156 15.67 -15.38 -36.35
C LYS B 156 14.23 -15.74 -36.02
N ASP B 157 13.92 -17.03 -35.99
CA ASP B 157 12.54 -17.47 -35.81
C ASP B 157 12.22 -18.00 -34.41
N LYS B 158 13.26 -18.22 -33.60
CA LYS B 158 13.07 -18.81 -32.27
C LYS B 158 13.69 -17.98 -31.14
N SER B 159 12.95 -17.81 -30.05
CA SER B 159 13.43 -17.09 -28.87
C SER B 159 14.25 -17.96 -27.93
N ASN B 160 14.03 -19.27 -27.98
CA ASN B 160 14.89 -20.18 -27.23
C ASN B 160 16.25 -20.23 -27.87
N LYS B 161 17.28 -20.47 -27.07
CA LYS B 161 18.66 -20.33 -27.54
C LYS B 161 19.43 -21.61 -27.85
N SER B 162 18.82 -22.77 -27.66
CA SER B 162 19.53 -24.02 -27.89
C SER B 162 20.06 -24.15 -29.32
N VAL B 163 19.26 -23.75 -30.31
CA VAL B 163 19.67 -23.90 -31.71
C VAL B 163 20.95 -23.10 -32.00
N ARG B 164 20.97 -21.86 -31.52
CA ARG B 164 22.15 -21.01 -31.64
C ARG B 164 23.33 -21.53 -30.83
N PHE B 165 23.08 -22.01 -29.61
CA PHE B 165 24.14 -22.59 -28.82
C PHE B 165 24.80 -23.76 -29.55
N LYS B 166 23.97 -24.64 -30.12
CA LYS B 166 24.48 -25.78 -30.88
C LYS B 166 25.23 -25.34 -32.12
N GLN B 167 24.81 -24.22 -32.70
CA GLN B 167 25.52 -23.65 -33.83
C GLN B 167 26.96 -23.31 -33.46
N VAL B 168 27.12 -22.73 -32.27
CA VAL B 168 28.44 -22.38 -31.76
C VAL B 168 29.29 -23.63 -31.58
N GLU B 169 28.73 -24.64 -30.91
CA GLU B 169 29.45 -25.90 -30.71
C GLU B 169 29.84 -26.52 -32.05
N ASP B 170 28.91 -26.54 -32.99
CA ASP B 170 29.18 -27.14 -34.31
C ASP B 170 30.28 -26.42 -35.09
N MET B 171 30.63 -25.22 -34.65
CA MET B 171 31.75 -24.48 -35.23
C MET B 171 33.07 -24.89 -34.61
N GLY B 172 33.01 -25.86 -33.69
CA GLY B 172 34.20 -26.46 -33.13
C GLY B 172 34.54 -25.97 -31.74
N TYR B 173 33.59 -25.31 -31.10
CA TYR B 173 33.81 -24.73 -29.78
C TYR B 173 33.25 -25.56 -28.61
N ASP B 174 33.90 -25.45 -27.46
CA ASP B 174 33.38 -25.98 -26.19
C ASP B 174 32.90 -24.80 -25.34
N ILE B 175 31.59 -24.70 -25.13
CA ILE B 175 31.04 -23.63 -24.31
C ILE B 175 31.32 -23.91 -22.84
N VAL B 176 32.32 -23.21 -22.27
CA VAL B 176 32.74 -23.50 -20.88
C VAL B 176 31.98 -22.66 -19.86
N LEU B 177 31.21 -21.70 -20.34
CA LEU B 177 30.61 -20.73 -19.43
C LEU B 177 29.46 -20.00 -20.11
N PHE B 178 28.42 -19.71 -19.34
CA PHE B 178 27.21 -19.05 -19.86
C PHE B 178 26.87 -17.90 -18.94
N VAL B 179 26.55 -16.74 -19.51
CA VAL B 179 26.27 -15.54 -18.73
C VAL B 179 24.93 -14.93 -19.14
N GLY B 180 24.11 -14.55 -18.16
CA GLY B 180 22.81 -14.00 -18.48
C GLY B 180 21.96 -13.51 -17.33
N ASP B 181 20.84 -12.89 -17.69
CA ASP B 181 19.87 -12.37 -16.74
C ASP B 181 18.58 -13.23 -16.73
N ASN B 182 18.48 -14.17 -17.66
CA ASN B 182 17.30 -15.04 -17.83
C ASN B 182 17.77 -16.49 -17.72
N LEU B 183 17.05 -17.35 -16.98
CA LEU B 183 17.49 -18.74 -16.90
C LEU B 183 17.57 -19.40 -18.29
N ASN B 184 16.77 -18.94 -19.26
CA ASN B 184 16.82 -19.52 -20.61
C ASN B 184 18.20 -19.28 -21.25
N ASP B 185 18.96 -18.33 -20.69
CA ASP B 185 20.29 -18.00 -21.22
C ASP B 185 21.29 -19.11 -20.90
N PHE B 186 20.83 -20.08 -20.11
CA PHE B 186 21.65 -21.25 -19.74
C PHE B 186 21.22 -22.55 -20.43
N GLY B 187 20.29 -22.46 -21.38
CA GLY B 187 19.81 -23.62 -22.10
C GLY B 187 18.29 -23.67 -22.08
N ASP B 188 17.71 -24.59 -22.86
CA ASP B 188 16.26 -24.69 -23.02
C ASP B 188 15.49 -25.31 -21.85
N ALA B 189 16.21 -25.87 -20.88
CA ALA B 189 15.58 -26.51 -19.74
C ALA B 189 14.43 -25.68 -19.12
N THR B 190 14.63 -24.37 -19.02
CA THR B 190 13.63 -23.52 -18.39
C THR B 190 12.68 -22.87 -19.38
N TYR B 191 12.81 -23.19 -20.66
CA TYR B 191 12.08 -22.46 -21.70
C TYR B 191 10.57 -22.68 -21.60
N LYS B 192 9.82 -21.58 -21.57
CA LYS B 192 8.35 -21.65 -21.50
C LYS B 192 7.80 -22.36 -20.24
N LYS B 193 8.62 -22.49 -19.20
CA LYS B 193 8.20 -23.10 -17.93
C LYS B 193 7.63 -22.06 -16.96
N SER B 194 6.83 -22.52 -15.99
CA SER B 194 6.34 -21.65 -14.92
C SER B 194 7.48 -21.26 -13.96
N ASN B 195 7.27 -20.18 -13.20
CA ASN B 195 8.25 -19.79 -12.18
C ASN B 195 8.58 -20.87 -11.18
N ALA B 196 7.55 -21.61 -10.73
CA ALA B 196 7.76 -22.68 -9.77
C ALA B 196 8.68 -23.76 -10.35
N GLU B 197 8.44 -24.14 -11.61
CA GLU B 197 9.34 -25.05 -12.32
C GLU B 197 10.75 -24.49 -12.49
N ARG B 198 10.86 -23.21 -12.80
CA ARG B 198 12.17 -22.57 -12.99
C ARG B 198 12.95 -22.56 -11.66
N ARG B 199 12.23 -22.32 -10.56
CA ARG B 199 12.82 -22.47 -9.22
C ARG B 199 13.30 -23.91 -8.95
N ASP B 200 12.57 -24.89 -9.47
CA ASP B 200 12.97 -26.29 -9.34
C ASP B 200 14.30 -26.52 -10.03
N PHE B 201 14.38 -26.03 -11.26
CA PHE B 201 15.62 -26.11 -12.03
C PHE B 201 16.77 -25.51 -11.23
N VAL B 202 16.56 -24.32 -10.67
CA VAL B 202 17.59 -23.67 -9.84
C VAL B 202 18.02 -24.58 -8.66
N ALA B 203 17.06 -25.07 -7.90
CA ALA B 203 17.37 -25.89 -6.73
C ALA B 203 18.20 -27.12 -7.11
N LYS B 204 17.80 -27.79 -8.18
CA LYS B 204 18.47 -29.00 -8.64
C LYS B 204 19.87 -28.72 -9.21
N ASN B 205 20.09 -27.48 -9.65
CA ASN B 205 21.39 -27.06 -10.19
C ASN B 205 22.11 -26.00 -9.34
N SER B 206 21.79 -25.93 -8.06
CA SER B 206 22.24 -24.84 -7.20
C SER B 206 23.74 -24.61 -7.24
N LYS B 207 24.51 -25.68 -7.38
CA LYS B 207 25.98 -25.58 -7.34
C LYS B 207 26.55 -24.94 -8.59
N ALA B 208 25.78 -24.96 -9.67
CA ALA B 208 26.24 -24.49 -10.97
C ALA B 208 26.41 -22.97 -11.06
N PHE B 209 25.66 -22.21 -10.25
CA PHE B 209 25.62 -20.77 -10.40
C PHE B 209 26.84 -20.08 -9.84
N GLY B 210 27.44 -19.21 -10.65
CA GLY B 210 28.69 -18.57 -10.28
C GLY B 210 29.86 -19.46 -10.68
N LYS B 211 29.55 -20.56 -11.35
CA LYS B 211 30.58 -21.52 -11.78
C LYS B 211 30.50 -21.79 -13.29
N LYS B 212 29.38 -22.33 -13.74
CA LYS B 212 29.11 -22.55 -15.18
C LYS B 212 28.03 -21.61 -15.67
N PHE B 213 27.08 -21.30 -14.80
CA PHE B 213 26.02 -20.34 -15.11
C PHE B 213 26.22 -19.07 -14.29
N ILE B 214 26.47 -17.94 -14.96
CA ILE B 214 26.67 -16.65 -14.30
C ILE B 214 25.43 -15.80 -14.45
N VAL B 215 24.90 -15.32 -13.32
CA VAL B 215 23.61 -14.59 -13.33
C VAL B 215 23.74 -13.08 -13.08
N LEU B 216 23.04 -12.29 -13.90
CA LEU B 216 22.87 -10.84 -13.66
C LEU B 216 21.42 -10.60 -13.29
N PRO B 217 21.17 -9.59 -12.43
CA PRO B 217 19.81 -9.23 -11.98
C PRO B 217 19.03 -8.45 -13.04
N ASN B 218 17.76 -8.80 -13.25
CA ASN B 218 16.90 -8.02 -14.12
C ASN B 218 15.48 -7.99 -13.55
N THR B 219 15.16 -6.90 -12.88
CA THR B 219 13.89 -6.78 -12.16
C THR B 219 12.81 -6.10 -12.97
N GLN B 220 13.13 -5.73 -14.20
CA GLN B 220 12.20 -4.99 -15.06
C GLN B 220 11.36 -5.91 -15.94
N TYR B 221 11.95 -7.00 -16.41
CA TYR B 221 11.23 -7.83 -17.36
C TYR B 221 11.94 -9.16 -17.51
N GLY B 222 11.29 -10.08 -18.22
CA GLY B 222 11.91 -11.36 -18.48
C GLY B 222 10.89 -12.47 -18.50
N ASP B 223 11.38 -13.68 -18.61
CA ASP B 223 10.53 -14.84 -18.70
C ASP B 223 10.01 -15.32 -17.35
N TRP B 224 10.45 -14.66 -16.28
CA TRP B 224 9.77 -14.79 -15.00
C TRP B 224 8.43 -14.04 -15.06
N GLU B 225 8.26 -13.16 -16.05
CA GLU B 225 6.97 -12.50 -16.21
C GLU B 225 5.99 -13.48 -16.86
N GLY B 226 6.41 -14.10 -17.97
CA GLY B 226 5.59 -15.11 -18.61
C GLY B 226 5.35 -16.31 -17.70
N GLY B 227 6.34 -16.60 -16.86
CA GLY B 227 6.28 -17.71 -15.93
C GLY B 227 5.21 -17.57 -14.86
N LEU B 228 4.54 -16.44 -14.82
CA LEU B 228 3.51 -16.20 -13.81
C LEU B 228 2.23 -16.94 -14.14
N ASP B 229 1.97 -17.14 -15.43
CA ASP B 229 0.76 -17.82 -15.85
C ASP B 229 0.86 -18.30 -17.28
N LYS B 230 0.40 -19.52 -17.54
CA LYS B 230 0.54 -20.15 -18.85
C LYS B 230 -0.09 -19.32 -19.96
N ASN B 231 -1.08 -18.50 -19.59
CA ASN B 231 -1.78 -17.63 -20.54
C ASN B 231 -1.69 -16.16 -20.15
N TYR B 232 -0.60 -15.78 -19.49
CA TYR B 232 -0.36 -14.41 -19.04
C TYR B 232 -0.50 -13.38 -20.17
N PHE B 233 0.16 -13.64 -21.30
CA PHE B 233 0.18 -12.67 -22.38
C PHE B 233 -1.04 -12.70 -23.31
N LYS B 234 -1.94 -13.65 -23.08
CA LYS B 234 -3.17 -13.70 -23.86
C LYS B 234 -4.26 -12.85 -23.21
N GLY B 235 -3.99 -12.36 -22.01
CA GLY B 235 -4.94 -11.50 -21.31
C GLY B 235 -4.70 -10.01 -21.57
N ASP B 236 -5.71 -9.20 -21.27
CA ASP B 236 -5.57 -7.75 -21.37
C ASP B 236 -4.87 -7.21 -20.13
N SER B 237 -4.68 -5.90 -20.05
CA SER B 237 -3.89 -5.33 -18.95
C SER B 237 -4.50 -5.58 -17.57
N GLN B 238 -5.83 -5.61 -17.47
CA GLN B 238 -6.48 -5.94 -16.20
C GLN B 238 -6.18 -7.38 -15.80
N SER B 239 -6.21 -8.28 -16.78
CA SER B 239 -5.89 -9.68 -16.55
C SER B 239 -4.49 -9.79 -15.96
N LYS B 240 -3.54 -9.05 -16.54
CA LYS B 240 -2.16 -9.05 -16.06
C LYS B 240 -2.04 -8.50 -14.63
N LEU B 241 -2.73 -7.39 -14.36
CA LEU B 241 -2.74 -6.82 -13.02
C LEU B 241 -3.22 -7.83 -11.98
N ASP B 242 -4.28 -8.57 -12.31
CA ASP B 242 -4.83 -9.59 -11.42
C ASP B 242 -3.82 -10.71 -11.17
N VAL B 243 -3.20 -11.18 -12.25
CA VAL B 243 -2.20 -12.23 -12.15
C VAL B 243 -1.03 -11.78 -11.27
N ARG B 244 -0.61 -10.54 -11.43
CA ARG B 244 0.50 -10.03 -10.65
CA ARG B 244 0.50 -10.02 -10.64
C ARG B 244 0.14 -9.93 -9.17
N ALA B 245 -1.04 -9.38 -8.87
CA ALA B 245 -1.49 -9.29 -7.48
C ALA B 245 -1.52 -10.68 -6.85
N LYS B 246 -2.04 -11.65 -7.60
CA LYS B 246 -2.16 -13.01 -7.09
C LYS B 246 -0.80 -13.61 -6.79
N ALA B 247 0.24 -13.09 -7.45
CA ALA B 247 1.56 -13.67 -7.31
C ALA B 247 2.26 -13.31 -6.00
N ILE B 248 1.79 -12.27 -5.34
CA ILE B 248 2.47 -11.78 -4.14
C ILE B 248 2.08 -12.59 -2.92
N HIS B 249 3.02 -12.90 -2.05
CA HIS B 249 2.63 -13.46 -0.76
C HIS B 249 2.91 -12.48 0.38
N ALA B 250 1.88 -12.30 1.20
CA ALA B 250 1.84 -11.24 2.21
C ALA B 250 1.66 -11.77 3.62
N TRP B 251 2.31 -11.12 4.56
CA TRP B 251 2.06 -11.33 5.99
C TRP B 251 0.62 -10.89 6.25
N ASP B 252 -0.06 -11.49 7.23
CA ASP B 252 -1.45 -11.12 7.49
C ASP B 252 -1.60 -9.83 8.31
N GLY B 253 -0.51 -9.38 8.90
CA GLY B 253 -0.52 -8.08 9.57
C GLY B 253 -0.76 -8.12 11.07
N LYS B 254 -1.23 -9.25 11.58
CA LYS B 254 -1.52 -9.40 12.99
C LYS B 254 -2.34 -8.25 13.55
N HIS B 255 -3.57 -8.11 13.05
CA HIS B 255 -4.46 -7.02 13.49
C HIS B 255 -5.06 -7.30 14.87
N HIS B 257 -10.27 -5.18 18.74
CA HIS B 257 -9.93 -5.23 20.15
C HIS B 257 -10.00 -3.87 20.85
N HIS B 258 -9.39 -2.86 20.23
CA HIS B 258 -9.26 -1.54 20.85
C HIS B 258 -10.57 -0.75 20.87
N HIS B 259 -10.73 0.08 21.90
CA HIS B 259 -11.91 0.92 22.04
C HIS B 259 -11.69 1.94 23.14
N HIS B 260 -12.30 3.12 22.99
CA HIS B 260 -12.21 4.17 23.99
C HIS B 260 -12.43 3.62 25.40
N ASN C 4 -22.68 2.76 -14.82
CA ASN C 4 -23.72 3.66 -15.32
C ASN C 4 -24.28 4.58 -14.24
N GLN C 5 -24.91 5.67 -14.66
CA GLN C 5 -25.41 6.69 -13.74
C GLN C 5 -26.37 6.13 -12.68
N GLN C 6 -27.23 5.20 -13.07
CA GLN C 6 -28.21 4.60 -12.16
C GLN C 6 -27.53 3.96 -10.96
N ALA C 7 -26.66 2.99 -11.25
CA ALA C 7 -25.91 2.31 -10.21
C ALA C 7 -25.11 3.30 -9.36
N VAL C 8 -24.57 4.33 -10.00
CA VAL C 8 -23.81 5.34 -9.28
C VAL C 8 -24.67 6.14 -8.31
N GLU C 9 -25.88 6.52 -8.73
CA GLU C 9 -26.81 7.20 -7.83
C GLU C 9 -27.31 6.29 -6.70
N GLN C 10 -27.61 5.04 -7.03
CA GLN C 10 -28.08 4.10 -6.01
C GLN C 10 -26.97 3.86 -5.00
N ALA C 11 -25.74 3.77 -5.49
CA ALA C 11 -24.59 3.58 -4.63
C ALA C 11 -24.39 4.78 -3.71
N ASN C 12 -24.55 5.99 -4.25
CA ASN C 12 -24.35 7.22 -3.45
C ASN C 12 -25.43 7.45 -2.40
N GLN C 13 -26.69 7.21 -2.76
CA GLN C 13 -27.80 7.26 -1.80
C GLN C 13 -27.65 6.21 -0.70
N ALA C 14 -27.23 5.01 -1.07
CA ALA C 14 -26.91 3.99 -0.08
C ALA C 14 -25.85 4.49 0.91
N LYS C 15 -24.81 5.13 0.37
CA LYS C 15 -23.75 5.70 1.21
C LYS C 15 -24.28 6.81 2.12
N LEU C 16 -25.19 7.64 1.60
CA LEU C 16 -25.79 8.71 2.39
C LEU C 16 -26.52 8.14 3.60
N GLN C 17 -27.11 6.97 3.40
CA GLN C 17 -27.92 6.32 4.42
C GLN C 17 -27.03 5.58 5.41
N GLN C 18 -25.96 4.96 4.92
CA GLN C 18 -25.05 4.27 5.84
C GLN C 18 -24.41 5.21 6.87
N GLN C 19 -24.26 6.47 6.49
CA GLN C 19 -23.62 7.48 7.34
C GLN C 19 -24.44 7.84 8.58
N VAL C 20 -25.69 7.39 8.62
CA VAL C 20 -26.60 7.64 9.74
C VAL C 20 -26.56 6.48 10.77
N ALA C 21 -25.96 5.35 10.37
CA ALA C 21 -26.03 4.11 11.12
C ALA C 21 -25.64 4.18 12.60
N MET C 22 -24.56 4.89 12.93
CA MET C 22 -24.10 4.91 14.32
C MET C 22 -25.02 5.78 15.17
N GLY C 23 -25.37 6.95 14.66
CA GLY C 23 -26.34 7.80 15.32
C GLY C 23 -27.68 7.09 15.51
N LEU C 24 -28.09 6.33 14.50
CA LEU C 24 -29.35 5.60 14.59
C LEU C 24 -29.26 4.50 15.67
N ILE C 25 -28.16 3.74 15.66
CA ILE C 25 -27.95 2.70 16.65
C ILE C 25 -27.89 3.31 18.04
N TRP C 26 -27.25 4.46 18.15
CA TRP C 26 -27.18 5.13 19.44
C TRP C 26 -28.58 5.52 19.90
N THR C 27 -29.39 6.00 18.96
CA THR C 27 -30.74 6.46 19.28
C THR C 27 -31.61 5.26 19.68
N GLN C 28 -31.53 4.19 18.91
CA GLN C 28 -32.40 3.03 19.18
C GLN C 28 -31.98 2.14 20.37
N GLN C 29 -30.70 2.15 20.72
CA GLN C 29 -30.13 1.15 21.63
C GLN C 29 -29.54 1.69 22.93
N SER C 30 -28.92 2.87 22.89
CA SER C 30 -28.17 3.35 24.07
C SER C 30 -29.06 3.75 25.22
N GLY C 31 -28.59 3.45 26.43
CA GLY C 31 -29.21 4.00 27.61
C GLY C 31 -29.02 5.51 27.62
N GLU C 32 -27.92 5.94 27.01
CA GLU C 32 -27.61 7.37 27.00
C GLU C 32 -28.69 8.20 26.33
N TYR C 33 -29.17 7.74 25.18
CA TYR C 33 -30.21 8.48 24.49
C TYR C 33 -31.52 8.59 25.30
N ALA C 34 -31.93 7.48 25.90
CA ALA C 34 -33.16 7.50 26.71
C ALA C 34 -32.96 8.40 27.92
N ALA C 35 -31.75 8.40 28.45
CA ALA C 35 -31.45 9.26 29.60
C ALA C 35 -31.54 10.75 29.21
N LEU C 36 -31.21 11.06 27.96
CA LEU C 36 -31.28 12.44 27.50
C LEU C 36 -32.76 12.82 27.32
N ALA C 37 -33.58 11.85 26.92
CA ALA C 37 -35.02 12.08 26.78
C ALA C 37 -35.63 12.38 28.13
N HIS C 38 -35.32 11.56 29.11
CA HIS C 38 -35.80 11.83 30.46
C HIS C 38 -35.29 13.18 30.99
N GLN C 39 -34.03 13.49 30.70
CA GLN C 39 -33.45 14.75 31.19
C GLN C 39 -34.23 15.93 30.64
N ALA C 40 -34.62 15.83 29.39
CA ALA C 40 -35.43 16.85 28.74
C ALA C 40 -36.80 16.98 29.41
N PHE C 41 -37.47 15.84 29.63
CA PHE C 41 -38.83 15.91 30.17
C PHE C 41 -38.83 16.20 31.66
N ASN C 42 -37.78 15.79 32.35
CA ASN C 42 -37.60 16.21 33.74
C ASN C 42 -37.44 17.74 33.81
N SER C 43 -36.54 18.28 33.00
CA SER C 43 -36.37 19.73 32.89
CA SER C 43 -36.37 19.73 32.91
C SER C 43 -37.69 20.40 32.53
N ALA C 44 -38.38 19.84 31.54
CA ALA C 44 -39.63 20.44 31.09
C ALA C 44 -40.67 20.50 32.20
N LYS C 45 -40.76 19.45 33.00
CA LYS C 45 -41.71 19.42 34.12
CA LYS C 45 -41.70 19.43 34.12
C LYS C 45 -41.37 20.52 35.13
N MET C 46 -40.11 20.60 35.51
CA MET C 46 -39.65 21.65 36.42
C MET C 46 -40.00 23.05 35.88
N ALA C 47 -39.64 23.30 34.62
CA ALA C 47 -39.97 24.58 33.99
C ALA C 47 -41.46 24.87 34.04
N PHE C 48 -42.28 23.86 33.71
CA PHE C 48 -43.72 24.03 33.65
C PHE C 48 -44.27 24.39 35.03
N ASP C 49 -43.87 23.61 36.03
CA ASP C 49 -44.35 23.83 37.40
C ASP C 49 -43.99 25.22 37.91
N HIS C 50 -42.80 25.70 37.56
CA HIS C 50 -42.33 27.01 38.02
C HIS C 50 -42.97 28.15 37.24
N ALA C 51 -43.48 27.87 36.04
CA ALA C 51 -43.98 28.91 35.15
C ALA C 51 -45.36 29.45 35.51
N LYS C 52 -45.60 30.71 35.17
CA LYS C 52 -46.90 31.34 35.37
C LYS C 52 -47.39 31.97 34.07
N ALA C 53 -48.64 31.68 33.70
CA ALA C 53 -49.23 32.31 32.52
C ALA C 53 -49.55 33.78 32.80
N LYS C 54 -49.37 34.62 31.78
CA LYS C 54 -49.69 36.03 31.88
C LYS C 54 -51.13 36.23 32.35
N LYS C 55 -51.37 37.34 33.04
CA LYS C 55 -52.69 37.62 33.62
C LYS C 55 -53.78 37.62 32.54
N GLY C 56 -54.82 36.82 32.77
CA GLY C 56 -55.91 36.73 31.82
C GLY C 56 -55.66 35.69 30.73
N LYS C 57 -54.50 35.05 30.78
CA LYS C 57 -54.12 34.06 29.78
C LYS C 57 -54.15 32.64 30.33
N LYS C 58 -54.42 31.69 29.44
CA LYS C 58 -54.39 30.27 29.77
C LYS C 58 -52.97 29.72 29.57
N LYS C 59 -52.56 28.77 30.41
CA LYS C 59 -51.19 28.24 30.40
C LYS C 59 -51.05 27.19 29.32
N ALA C 60 -50.11 27.38 28.39
CA ALA C 60 -49.96 26.41 27.30
C ALA C 60 -48.52 25.94 27.11
N VAL C 61 -48.35 24.70 26.69
CA VAL C 61 -47.05 24.14 26.34
C VAL C 61 -47.13 23.66 24.89
N VAL C 62 -46.19 24.09 24.06
CA VAL C 62 -46.18 23.68 22.66
C VAL C 62 -45.06 22.68 22.47
N VAL C 63 -45.34 21.61 21.73
CA VAL C 63 -44.34 20.59 21.45
C VAL C 63 -44.44 20.16 19.98
N ASP C 64 -43.31 19.74 19.41
CA ASP C 64 -43.29 19.06 18.12
C ASP C 64 -43.61 17.60 18.38
N LEU C 65 -44.09 16.88 17.37
CA LEU C 65 -44.38 15.47 17.54
C LEU C 65 -43.19 14.57 17.20
N ASP C 66 -42.82 14.54 15.92
CA ASP C 66 -41.81 13.62 15.41
C ASP C 66 -40.44 13.81 16.05
N GLU C 67 -39.89 12.74 16.61
CA GLU C 67 -38.59 12.74 17.26
C GLU C 67 -38.54 13.62 18.50
N THR C 68 -39.71 14.10 18.94
CA THR C 68 -39.83 14.84 20.20
C THR C 68 -40.73 14.09 21.19
N MET C 69 -41.98 13.86 20.81
CA MET C 69 -42.90 13.04 21.60
C MET C 69 -43.04 11.61 21.04
N ILE C 70 -42.94 11.47 19.72
CA ILE C 70 -43.07 10.14 19.10
C ILE C 70 -41.83 9.75 18.30
N ASP C 71 -41.62 8.45 18.20
CA ASP C 71 -40.36 7.88 17.78
C ASP C 71 -40.53 7.23 16.41
N ASN C 72 -39.99 7.87 15.36
CA ASN C 72 -40.08 7.37 13.99
C ASN C 72 -38.76 6.77 13.53
N SER C 73 -37.96 6.27 14.47
CA SER C 73 -36.64 5.76 14.14
C SER C 73 -36.70 4.51 13.25
N ALA C 74 -37.84 3.83 13.25
CA ALA C 74 -38.04 2.67 12.39
C ALA C 74 -38.02 3.06 10.91
N TYR C 75 -38.55 4.23 10.59
CA TYR C 75 -38.41 4.80 9.24
C TYR C 75 -36.94 5.00 8.84
N ALA C 76 -36.14 5.58 9.74
CA ALA C 76 -34.71 5.76 9.45
C ALA C 76 -34.01 4.41 9.33
N GLY C 77 -34.44 3.42 10.09
CA GLY C 77 -33.89 2.08 9.92
C GLY C 77 -34.24 1.53 8.55
N TRP C 78 -35.47 1.77 8.11
CA TRP C 78 -35.90 1.37 6.77
C TRP C 78 -35.04 2.02 5.69
N GLN C 79 -34.70 3.29 5.90
CA GLN C 79 -33.84 4.02 4.96
C GLN C 79 -32.48 3.36 4.83
N VAL C 80 -31.78 3.20 5.95
CA VAL C 80 -30.48 2.52 5.96
C VAL C 80 -30.50 1.18 5.25
N GLN C 81 -31.44 0.33 5.64
CA GLN C 81 -31.55 -1.03 5.11
C GLN C 81 -31.84 -1.05 3.61
N SER C 82 -32.61 -0.08 3.15
CA SER C 82 -33.10 -0.10 1.77
C SER C 82 -32.25 0.79 0.87
N GLY C 83 -31.45 1.65 1.48
CA GLY C 83 -30.62 2.58 0.75
C GLY C 83 -31.40 3.70 0.10
N GLN C 84 -32.67 3.86 0.47
CA GLN C 84 -33.48 4.92 -0.10
C GLN C 84 -33.51 6.15 0.80
N GLY C 85 -33.48 7.33 0.18
CA GLY C 85 -33.59 8.57 0.92
C GLY C 85 -35.04 8.91 1.17
N PHE C 86 -35.26 9.96 1.95
CA PHE C 86 -36.60 10.39 2.32
C PHE C 86 -37.39 10.79 1.08
N SER C 87 -38.69 10.53 1.09
CA SER C 87 -39.60 11.07 0.08
C SER C 87 -40.95 11.26 0.72
N PRO C 88 -41.68 12.31 0.32
CA PRO C 88 -42.99 12.54 0.93
C PRO C 88 -43.92 11.35 0.75
N LYS C 89 -43.87 10.68 -0.40
CA LYS C 89 -44.73 9.53 -0.66
C LYS C 89 -44.51 8.38 0.33
N THR C 90 -43.26 7.96 0.53
CA THR C 90 -42.97 6.88 1.47
C THR C 90 -43.22 7.29 2.92
N TRP C 91 -42.89 8.54 3.25
CA TRP C 91 -43.19 9.05 4.59
C TRP C 91 -44.67 8.91 4.90
N THR C 92 -45.52 9.23 3.93
CA THR C 92 -46.97 9.15 4.12
C THR C 92 -47.37 7.70 4.38
N LYS C 93 -46.75 6.77 3.66
CA LYS C 93 -46.98 5.35 3.89
C LYS C 93 -46.57 4.94 5.29
N TRP C 94 -45.45 5.49 5.78
CA TRP C 94 -45.02 5.24 7.16
C TRP C 94 -46.07 5.71 8.15
N VAL C 95 -46.56 6.94 7.95
CA VAL C 95 -47.60 7.51 8.82
C VAL C 95 -48.84 6.64 8.89
N ASP C 96 -49.29 6.18 7.72
CA ASP C 96 -50.46 5.31 7.63
C ASP C 96 -50.21 3.93 8.26
N ALA C 97 -48.97 3.47 8.25
CA ALA C 97 -48.65 2.17 8.81
C ALA C 97 -48.93 2.17 10.32
N ARG C 98 -49.08 3.36 10.87
CA ARG C 98 -49.46 3.50 12.28
C ARG C 98 -48.59 2.62 13.17
N GLN C 99 -47.29 2.87 13.16
CA GLN C 99 -46.34 2.11 13.97
C GLN C 99 -45.44 2.96 14.85
N SER C 100 -45.75 4.25 14.97
CA SER C 100 -44.95 5.16 15.80
C SER C 100 -44.94 4.66 17.25
N ALA C 101 -43.81 4.89 17.92
CA ALA C 101 -43.65 4.54 19.32
C ALA C 101 -43.55 5.83 20.15
N ALA C 102 -43.63 5.72 21.46
CA ALA C 102 -43.41 6.88 22.34
C ALA C 102 -41.94 7.08 22.68
N ILE C 103 -41.51 8.34 22.71
CA ILE C 103 -40.18 8.68 23.21
C ILE C 103 -40.22 8.51 24.72
N PRO C 104 -39.12 8.06 25.32
CA PRO C 104 -39.23 7.89 26.77
C PRO C 104 -39.58 9.21 27.47
N GLY C 105 -40.44 9.13 28.48
CA GLY C 105 -40.82 10.30 29.25
C GLY C 105 -41.96 11.10 28.64
N ALA C 106 -42.21 10.91 27.35
CA ALA C 106 -43.06 11.87 26.65
C ALA C 106 -44.54 11.81 27.04
N VAL C 107 -45.11 10.61 27.03
CA VAL C 107 -46.52 10.46 27.44
C VAL C 107 -46.72 10.97 28.87
N GLU C 108 -45.86 10.53 29.79
CA GLU C 108 -45.96 11.03 31.17
C GLU C 108 -45.98 12.57 31.24
N PHE C 109 -44.97 13.23 30.67
CA PHE C 109 -44.90 14.70 30.72
C PHE C 109 -46.17 15.34 30.18
N SER C 110 -46.53 14.95 28.95
CA SER C 110 -47.67 15.52 28.24
C SER C 110 -49.00 15.35 28.99
N ASN C 111 -49.25 14.14 29.49
CA ASN C 111 -50.45 13.92 30.29
C ASN C 111 -50.37 14.68 31.62
N TYR C 112 -49.16 14.78 32.18
CA TYR C 112 -48.94 15.60 33.37
C TYR C 112 -49.44 17.02 33.17
N VAL C 113 -48.96 17.66 32.11
CA VAL C 113 -49.37 19.02 31.81
C VAL C 113 -50.91 19.14 31.78
N ASN C 114 -51.55 18.30 30.98
CA ASN C 114 -52.98 18.46 30.76
C ASN C 114 -53.80 18.24 32.02
N ALA C 115 -53.26 17.47 32.96
CA ALA C 115 -53.97 17.19 34.22
C ALA C 115 -53.63 18.18 35.32
N ASN C 116 -52.62 19.02 35.08
CA ASN C 116 -52.10 19.90 36.12
C ASN C 116 -51.97 21.37 35.75
N GLY C 117 -53.03 21.93 35.18
CA GLY C 117 -53.14 23.37 35.00
C GLY C 117 -52.74 23.96 33.67
N GLY C 118 -52.33 23.12 32.73
CA GLY C 118 -51.92 23.60 31.42
C GLY C 118 -52.68 22.92 30.30
N THR C 119 -52.43 23.37 29.08
CA THR C 119 -52.94 22.69 27.88
C THR C 119 -51.79 22.41 26.90
N MET C 120 -51.69 21.15 26.45
CA MET C 120 -50.68 20.77 25.46
C MET C 120 -51.14 21.11 24.05
N PHE C 121 -50.25 21.69 23.27
CA PHE C 121 -50.50 21.82 21.85
C PHE C 121 -49.41 21.10 21.05
N PHE C 122 -49.83 20.46 19.97
CA PHE C 122 -48.98 19.59 19.17
C PHE C 122 -48.87 20.18 17.78
N VAL C 123 -47.82 20.97 17.57
CA VAL C 123 -47.62 21.67 16.30
C VAL C 123 -46.55 20.92 15.54
N SER C 124 -46.94 20.36 14.40
CA SER C 124 -46.19 19.27 13.78
C SER C 124 -46.18 19.43 12.28
N ASN C 125 -45.09 19.00 11.64
CA ASN C 125 -45.00 19.11 10.19
C ASN C 125 -45.49 17.86 9.45
N ARG C 126 -46.10 16.95 10.17
CA ARG C 126 -46.90 15.94 9.50
C ARG C 126 -48.00 16.69 8.77
N ARG C 127 -48.38 16.23 7.59
CA ARG C 127 -49.32 16.96 6.75
C ARG C 127 -50.78 16.87 7.22
N ASP C 128 -51.45 18.00 7.28
CA ASP C 128 -52.85 18.03 7.71
C ASP C 128 -53.73 17.25 6.75
N ASP C 129 -53.49 17.39 5.45
CA ASP C 129 -54.39 16.76 4.49
C ASP C 129 -54.32 15.23 4.47
N VAL C 130 -53.11 14.67 4.51
CA VAL C 130 -52.94 13.23 4.31
C VAL C 130 -52.30 12.44 5.45
N GLU C 131 -51.84 13.11 6.50
CA GLU C 131 -51.15 12.40 7.58
C GLU C 131 -51.83 12.61 8.94
N LYS C 132 -53.01 13.21 8.90
CA LYS C 132 -53.78 13.49 10.11
C LYS C 132 -54.30 12.19 10.73
N ALA C 133 -54.98 11.40 9.93
CA ALA C 133 -55.63 10.18 10.41
C ALA C 133 -54.65 9.25 11.13
N GLY C 134 -53.49 9.01 10.53
CA GLY C 134 -52.49 8.11 11.07
C GLY C 134 -51.91 8.63 12.37
N THR C 135 -51.74 9.94 12.44
CA THR C 135 -51.20 10.59 13.64
C THR C 135 -52.17 10.45 14.82
N VAL C 136 -53.44 10.74 14.58
CA VAL C 136 -54.47 10.61 15.59
C VAL C 136 -54.59 9.18 16.15
N ASP C 137 -54.60 8.18 15.27
CA ASP C 137 -54.64 6.79 15.71
C ASP C 137 -53.45 6.40 16.60
N ASP C 138 -52.23 6.79 16.21
CA ASP C 138 -51.03 6.41 16.95
C ASP C 138 -50.98 7.08 18.34
N MET C 139 -51.31 8.36 18.38
CA MET C 139 -51.31 9.09 19.64
C MET C 139 -52.37 8.56 20.59
N LYS C 140 -53.48 8.08 20.04
CA LYS C 140 -54.53 7.47 20.86
C LYS C 140 -54.04 6.15 21.44
N ARG C 141 -53.40 5.34 20.61
CA ARG C 141 -52.81 4.07 21.05
C ARG C 141 -51.77 4.27 22.15
N LEU C 142 -50.94 5.29 22.01
CA LEU C 142 -49.85 5.54 22.94
C LEU C 142 -50.36 6.20 24.21
N GLY C 143 -51.56 6.75 24.12
CA GLY C 143 -52.23 7.28 25.29
C GLY C 143 -52.07 8.76 25.58
N PHE C 144 -51.85 9.58 24.54
CA PHE C 144 -51.79 11.03 24.77
C PHE C 144 -53.22 11.59 24.92
N THR C 145 -53.44 12.33 26.01
CA THR C 145 -54.72 12.99 26.19
C THR C 145 -54.77 14.33 25.48
N GLY C 146 -55.98 14.81 25.20
CA GLY C 146 -56.16 16.16 24.69
C GLY C 146 -55.75 16.40 23.25
N VAL C 147 -55.73 15.36 22.42
CA VAL C 147 -55.47 15.51 21.00
C VAL C 147 -56.79 15.70 20.23
N ASN C 148 -57.06 16.93 19.82
CA ASN C 148 -58.27 17.25 19.06
C ASN C 148 -58.02 18.31 18.00
N ASP C 149 -59.07 18.72 17.28
CA ASP C 149 -58.92 19.69 16.21
C ASP C 149 -58.38 21.04 16.67
N LYS C 150 -58.45 21.29 17.97
CA LYS C 150 -57.98 22.55 18.54
C LYS C 150 -56.50 22.51 18.87
N THR C 151 -56.05 21.38 19.42
CA THR C 151 -54.70 21.27 19.98
C THR C 151 -53.67 20.66 19.03
N LEU C 152 -54.14 19.99 17.99
CA LEU C 152 -53.26 19.34 17.03
C LEU C 152 -53.15 20.19 15.78
N LEU C 153 -52.04 20.90 15.63
CA LEU C 153 -51.88 21.82 14.51
C LEU C 153 -50.86 21.28 13.50
N LEU C 154 -51.38 20.62 12.47
CA LEU C 154 -50.56 19.99 11.45
C LEU C 154 -50.29 20.96 10.31
N LYS C 155 -49.30 20.62 9.48
CA LYS C 155 -48.84 21.54 8.44
C LYS C 155 -49.90 21.74 7.36
N LYS C 156 -50.15 23.00 7.02
CA LYS C 156 -51.13 23.33 5.99
C LYS C 156 -50.50 24.16 4.87
N ASP C 157 -49.56 25.03 5.24
CA ASP C 157 -48.90 25.88 4.25
C ASP C 157 -47.39 25.62 4.21
N LYS C 158 -46.65 26.32 5.07
CA LYS C 158 -45.19 26.20 5.10
C LYS C 158 -44.71 25.45 6.34
N SER C 159 -43.40 25.22 6.42
CA SER C 159 -42.83 24.41 7.49
C SER C 159 -42.46 25.20 8.74
N ASN C 160 -42.50 26.53 8.66
CA ASN C 160 -42.23 27.35 9.84
C ASN C 160 -43.45 27.37 10.74
N LYS C 161 -43.20 27.50 12.03
CA LYS C 161 -44.20 27.28 13.07
C LYS C 161 -44.86 28.56 13.56
N SER C 162 -44.21 29.70 13.33
CA SER C 162 -44.65 30.97 13.91
C SER C 162 -46.15 31.24 13.71
N VAL C 163 -46.67 30.95 12.53
CA VAL C 163 -48.09 31.19 12.25
C VAL C 163 -49.02 30.31 13.10
N ARG C 164 -48.64 29.06 13.31
CA ARG C 164 -49.42 28.21 14.20
C ARG C 164 -49.20 28.58 15.66
N PHE C 165 -48.01 29.06 16.00
CA PHE C 165 -47.77 29.49 17.38
C PHE C 165 -48.69 30.68 17.69
N LYS C 166 -48.92 31.53 16.69
CA LYS C 166 -49.77 32.69 16.85
C LYS C 166 -51.22 32.28 16.97
N GLN C 167 -51.62 31.28 16.17
CA GLN C 167 -52.94 30.71 16.27
C GLN C 167 -53.25 30.33 17.71
N VAL C 168 -52.31 29.62 18.32
CA VAL C 168 -52.48 29.18 19.70
C VAL C 168 -52.67 30.34 20.66
N GLU C 169 -51.85 31.37 20.53
CA GLU C 169 -51.91 32.50 21.45
C GLU C 169 -53.12 33.40 21.21
N ASP C 170 -53.62 33.42 19.97
CA ASP C 170 -54.83 34.15 19.62
C ASP C 170 -56.06 33.50 20.25
N MET C 171 -55.94 32.23 20.59
CA MET C 171 -57.04 31.50 21.22
C MET C 171 -57.12 31.76 22.71
N GLY C 172 -56.24 32.65 23.20
CA GLY C 172 -56.28 33.06 24.59
C GLY C 172 -55.26 32.36 25.46
N TYR C 173 -54.19 31.86 24.84
CA TYR C 173 -53.15 31.13 25.58
C TYR C 173 -51.83 31.87 25.65
N ASP C 174 -51.06 31.57 26.70
CA ASP C 174 -49.69 32.04 26.85
C ASP C 174 -48.77 30.82 26.77
N ILE C 175 -47.98 30.70 25.69
CA ILE C 175 -47.06 29.58 25.56
C ILE C 175 -45.89 29.77 26.53
N VAL C 176 -45.90 29.00 27.63
CA VAL C 176 -44.86 29.17 28.65
C VAL C 176 -43.63 28.30 28.38
N LEU C 177 -43.72 27.41 27.40
CA LEU C 177 -42.70 26.38 27.21
C LEU C 177 -42.78 25.74 25.83
N PHE C 178 -41.62 25.51 25.20
CA PHE C 178 -41.53 24.92 23.88
C PHE C 178 -40.62 23.70 23.96
N VAL C 179 -41.04 22.61 23.30
CA VAL C 179 -40.24 21.37 23.29
C VAL C 179 -40.06 20.87 21.86
N GLY C 180 -38.85 20.44 21.52
CA GLY C 180 -38.56 20.01 20.15
C GLY C 180 -37.17 19.47 19.94
N ASP C 181 -36.94 18.90 18.77
CA ASP C 181 -35.65 18.37 18.39
C ASP C 181 -35.01 19.26 17.32
N ASN C 182 -35.71 20.33 16.95
CA ASN C 182 -35.28 21.22 15.84
C ASN C 182 -35.37 22.64 16.37
N LEU C 183 -34.35 23.46 16.11
CA LEU C 183 -34.39 24.83 16.63
C LEU C 183 -35.60 25.62 16.11
N ASN C 184 -36.06 25.31 14.91
CA ASN C 184 -37.25 25.95 14.38
C ASN C 184 -38.44 25.74 15.32
N ASP C 185 -38.38 24.69 16.15
CA ASP C 185 -39.46 24.36 17.07
C ASP C 185 -39.60 25.39 18.19
N PHE C 186 -38.69 26.37 18.20
CA PHE C 186 -38.67 27.43 19.22
C PHE C 186 -38.99 28.79 18.59
N GLY C 187 -39.33 28.79 17.31
CA GLY C 187 -39.69 30.00 16.61
C GLY C 187 -38.95 30.15 15.29
N ASP C 188 -39.32 31.16 14.51
CA ASP C 188 -38.79 31.35 13.16
C ASP C 188 -37.38 31.94 13.09
N ALA C 189 -36.85 32.38 14.23
CA ALA C 189 -35.50 32.94 14.27
C ALA C 189 -34.45 32.11 13.51
N THR C 190 -34.60 30.78 13.54
CA THR C 190 -33.61 29.90 12.96
C THR C 190 -34.07 29.34 11.61
N TYR C 191 -35.26 29.75 11.18
CA TYR C 191 -35.86 29.17 9.97
C TYR C 191 -35.00 29.45 8.75
N LYS C 192 -34.65 28.39 8.02
CA LYS C 192 -33.87 28.49 6.78
C LYS C 192 -32.45 29.07 6.92
N LYS C 193 -31.93 29.13 8.14
CA LYS C 193 -30.58 29.65 8.39
C LYS C 193 -29.53 28.54 8.28
N SER C 194 -28.28 28.94 8.09
CA SER C 194 -27.15 28.00 8.07
C SER C 194 -26.85 27.46 9.46
N ASN C 195 -26.11 26.35 9.52
CA ASN C 195 -25.72 25.83 10.82
C ASN C 195 -24.96 26.85 11.67
N ALA C 196 -24.10 27.64 11.04
CA ALA C 196 -23.30 28.58 11.82
C ALA C 196 -24.19 29.65 12.42
N GLU C 197 -25.15 30.11 11.64
CA GLU C 197 -26.12 31.09 12.12
C GLU C 197 -26.99 30.48 13.24
N ARG C 198 -27.33 29.21 13.10
CA ARG C 198 -28.14 28.55 14.13
C ARG C 198 -27.33 28.41 15.43
N ARG C 199 -26.04 28.13 15.30
CA ARG C 199 -25.15 28.05 16.45
C ARG C 199 -25.02 29.40 17.14
N ASP C 200 -25.21 30.46 16.37
CA ASP C 200 -25.07 31.79 16.89
C ASP C 200 -26.32 32.12 17.69
N PHE C 201 -27.47 31.72 17.15
CA PHE C 201 -28.74 31.84 17.87
C PHE C 201 -28.68 31.14 19.23
N VAL C 202 -28.10 29.95 19.24
CA VAL C 202 -27.93 29.18 20.48
C VAL C 202 -27.01 29.92 21.46
N ALA C 203 -25.88 30.43 20.98
CA ALA C 203 -24.95 31.15 21.85
C ALA C 203 -25.63 32.37 22.49
N LYS C 204 -26.41 33.08 21.70
CA LYS C 204 -27.08 34.29 22.18
C LYS C 204 -28.28 34.02 23.08
N ASN C 205 -28.68 32.75 23.17
CA ASN C 205 -29.82 32.35 24.00
C ASN C 205 -29.50 31.16 24.92
N SER C 206 -28.21 30.99 25.21
CA SER C 206 -27.73 29.78 25.86
C SER C 206 -28.45 29.49 27.17
N LYS C 207 -28.91 30.55 27.84
CA LYS C 207 -29.55 30.38 29.14
C LYS C 207 -31.00 29.89 29.02
N ALA C 208 -31.56 30.00 27.82
CA ALA C 208 -32.93 29.59 27.57
C ALA C 208 -33.13 28.08 27.59
N PHE C 209 -32.09 27.33 27.26
CA PHE C 209 -32.25 25.91 27.04
C PHE C 209 -32.35 25.15 28.34
N GLY C 210 -33.42 24.37 28.46
CA GLY C 210 -33.71 23.61 29.65
C GLY C 210 -34.62 24.42 30.55
N LYS C 211 -35.01 25.62 30.09
CA LYS C 211 -35.87 26.50 30.88
C LYS C 211 -37.09 26.97 30.08
N LYS C 212 -36.86 27.56 28.91
CA LYS C 212 -37.95 28.00 28.05
C LYS C 212 -38.01 27.15 26.78
N PHE C 213 -36.86 26.62 26.38
CA PHE C 213 -36.73 25.79 25.17
C PHE C 213 -36.14 24.46 25.60
N ILE C 214 -36.91 23.39 25.43
CA ILE C 214 -36.47 22.05 25.84
C ILE C 214 -36.10 21.28 24.59
N VAL C 215 -34.88 20.71 24.59
CA VAL C 215 -34.30 20.09 23.42
C VAL C 215 -34.21 18.56 23.54
N LEU C 216 -34.66 17.87 22.49
CA LEU C 216 -34.48 16.42 22.36
C LEU C 216 -33.48 16.19 21.24
N PRO C 217 -32.65 15.14 21.37
CA PRO C 217 -31.62 14.84 20.38
C PRO C 217 -32.24 14.22 19.13
N ASN C 218 -31.84 14.67 17.93
CA ASN C 218 -32.21 14.00 16.70
C ASN C 218 -31.03 13.95 15.73
N THR C 219 -30.32 12.82 15.71
CA THR C 219 -29.10 12.72 14.90
C THR C 219 -29.36 12.13 13.51
N GLN C 220 -30.62 11.91 13.19
CA GLN C 220 -31.02 11.24 11.97
CA GLN C 220 -31.01 11.25 11.94
C GLN C 220 -31.33 12.22 10.82
N TYR C 221 -31.99 13.33 11.16
CA TYR C 221 -32.44 14.27 10.15
C TYR C 221 -32.81 15.58 10.81
N GLY C 222 -33.13 16.60 10.01
CA GLY C 222 -33.50 17.89 10.55
C GLY C 222 -32.95 19.05 9.76
N ASP C 223 -33.26 20.27 10.18
CA ASP C 223 -32.84 21.45 9.44
C ASP C 223 -31.37 21.79 9.63
N TRP C 224 -30.68 21.01 10.43
CA TRP C 224 -29.23 21.05 10.45
C TRP C 224 -28.68 20.39 9.19
N GLU C 225 -29.50 19.61 8.50
CA GLU C 225 -29.05 19.04 7.24
C GLU C 225 -29.10 20.12 6.15
N GLY C 226 -30.25 20.75 5.97
CA GLY C 226 -30.36 21.84 5.01
C GLY C 226 -29.35 22.93 5.33
N GLY C 227 -29.09 23.12 6.62
CA GLY C 227 -28.22 24.17 7.10
C GLY C 227 -26.75 23.96 6.78
N LEU C 228 -26.44 22.84 6.12
CA LEU C 228 -25.06 22.54 5.76
C LEU C 228 -24.59 23.35 4.55
N ASP C 229 -25.56 23.79 3.74
CA ASP C 229 -25.26 24.52 2.51
C ASP C 229 -26.55 25.07 1.90
N LYS C 230 -26.49 26.29 1.39
CA LYS C 230 -27.68 27.00 0.93
C LYS C 230 -28.39 26.32 -0.26
N ASN C 231 -27.67 25.49 -0.98
CA ASN C 231 -28.23 24.73 -2.11
C ASN C 231 -28.03 23.25 -1.92
N TYR C 232 -28.03 22.82 -0.66
CA TYR C 232 -27.81 21.43 -0.30
C TYR C 232 -28.79 20.50 -1.00
N PHE C 233 -30.05 20.92 -1.07
CA PHE C 233 -31.09 20.08 -1.66
C PHE C 233 -31.31 20.35 -3.14
N LYS C 234 -30.35 21.02 -3.77
CA LYS C 234 -30.40 21.25 -5.21
C LYS C 234 -29.52 20.25 -5.95
N GLY C 235 -28.50 19.74 -5.27
CA GLY C 235 -27.57 18.82 -5.88
C GLY C 235 -27.92 17.36 -5.70
N ASP C 236 -27.32 16.51 -6.53
CA ASP C 236 -27.53 15.06 -6.46
C ASP C 236 -26.80 14.46 -5.26
N SER C 237 -26.80 13.13 -5.18
CA SER C 237 -26.23 12.46 -4.01
C SER C 237 -24.71 12.64 -3.86
N GLN C 238 -24.00 12.77 -4.97
CA GLN C 238 -22.56 13.06 -4.88
C GLN C 238 -22.37 14.46 -4.30
N SER C 239 -23.15 15.40 -4.79
CA SER C 239 -23.13 16.75 -4.25
C SER C 239 -23.30 16.75 -2.73
N LYS C 240 -24.25 15.97 -2.23
CA LYS C 240 -24.52 15.97 -0.78
C LYS C 240 -23.39 15.31 0.00
N LEU C 241 -22.86 14.22 -0.55
CA LEU C 241 -21.72 13.53 0.05
C LEU C 241 -20.53 14.48 0.20
N ASP C 242 -20.31 15.33 -0.81
CA ASP C 242 -19.21 16.30 -0.76
C ASP C 242 -19.45 17.35 0.31
N VAL C 243 -20.66 17.91 0.35
CA VAL C 243 -21.02 18.90 1.37
C VAL C 243 -20.75 18.28 2.73
N ARG C 244 -21.24 17.06 2.93
CA ARG C 244 -21.09 16.39 4.21
C ARG C 244 -19.62 16.16 4.58
N ALA C 245 -18.85 15.66 3.62
CA ALA C 245 -17.42 15.47 3.83
C ALA C 245 -16.74 16.79 4.24
N LYS C 246 -17.13 17.89 3.62
CA LYS C 246 -16.45 19.17 3.88
C LYS C 246 -16.87 19.79 5.22
N ALA C 247 -17.96 19.27 5.79
CA ALA C 247 -18.50 19.81 7.05
C ALA C 247 -17.76 19.24 8.26
N ILE C 248 -17.05 18.15 8.05
CA ILE C 248 -16.28 17.53 9.12
C ILE C 248 -14.97 18.26 9.37
N HIS C 249 -14.61 18.47 10.63
CA HIS C 249 -13.25 18.93 10.90
C HIS C 249 -12.46 17.83 11.58
N ALA C 250 -11.23 17.66 11.14
CA ALA C 250 -10.42 16.49 11.47
C ALA C 250 -9.05 16.87 11.99
N TRP C 251 -8.59 16.14 13.00
CA TRP C 251 -7.20 16.22 13.44
C TRP C 251 -6.29 15.78 12.28
N ASP C 252 -5.16 16.44 12.09
CA ASP C 252 -4.27 16.11 10.97
C ASP C 252 -3.56 14.79 11.19
N GLY C 253 -3.69 14.26 12.40
CA GLY C 253 -3.14 12.94 12.73
C GLY C 253 -1.62 12.95 12.83
N HIS C 256 6.44 9.86 5.61
CA HIS C 256 6.96 10.08 6.95
C HIS C 256 8.46 9.80 7.00
N HIS C 257 9.02 9.79 8.21
CA HIS C 257 10.48 9.63 8.35
C HIS C 257 10.91 8.20 8.66
N HIS C 258 9.95 7.28 8.70
CA HIS C 258 10.24 5.91 9.07
C HIS C 258 10.76 5.10 7.89
N HIS C 259 11.84 4.37 8.11
CA HIS C 259 12.42 3.54 7.08
C HIS C 259 13.20 2.38 7.67
N HIS C 260 13.31 1.30 6.89
CA HIS C 260 14.08 0.13 7.27
C HIS C 260 15.52 0.49 7.63
#